data_3GWQ
#
_entry.id   3GWQ
#
_cell.length_a   113.637
_cell.length_b   113.637
_cell.length_c   145.920
_cell.angle_alpha   90.000
_cell.angle_beta   90.000
_cell.angle_gamma   90.000
#
_symmetry.space_group_name_H-M   'P 41 21 2'
#
loop_
_entity.id
_entity.type
_entity.pdbx_description
1 polymer 'D-serine deaminase'
2 non-polymer GLYCEROL
3 non-polymer 'SODIUM ION'
4 water water
#
_entity_poly.entity_id   1
_entity_poly.type   'polypeptide(L)'
_entity_poly.pdbx_seq_one_letter_code
;G(MSE)KVTNYQGATIDPYSKGLG(MSE)VPGTSIQLTDAARLEWNLLNEDVSLPAAVLYADRVEHNLKW(MSE)QAFVA
EYGVKLAPHGKTT(MSE)APQLFRRQLETGAWGITLATAHQVRAAYHGGVSRVL(MSE)ANQLVGRRN(MSE)(MSE)
(MSE)VAELLSDPEFEFFCLVDSVEGVEQLGEFFKSVNKQLQVLLELGVPGGRTGVRDAAQRNAVLEAITRYPDTLKLAG
VELYEGVLKEEHEVREFLQSAVAVTRELVEQERFARAPAVLSGAGSAWYDVVAEEFVKASETGKVEVVLRPGCYLTHDVG
IYRKAQTDIFARNPVAKK(MSE)GEGLLPALQLWAYVQSIPEPDRAIIGLGKRDSAFDAG(MSE)PEPARHYRPGNEAPR
DIAASEGWEIFGL(MSE)DQHAYLRIPAGADLKVGD(MSE)IAFDISHPCLTFDKWRQVLVVDPAYRVTEVIETFF
;
_entity_poly.pdbx_strand_id   A,B
#
loop_
_chem_comp.id
_chem_comp.type
_chem_comp.name
_chem_comp.formula
GOL non-polymer GLYCEROL 'C3 H8 O3'
NA non-polymer 'SODIUM ION' 'Na 1'
#
# COMPACT_ATOMS: atom_id res chain seq x y z
N ALA A 10 -18.37 9.58 6.38
CA ALA A 10 -16.90 9.22 6.28
C ALA A 10 -16.15 9.83 7.45
N THR A 11 -15.47 9.00 8.22
CA THR A 11 -14.90 9.44 9.48
C THR A 11 -13.42 9.06 9.56
N ILE A 12 -12.69 9.79 10.40
CA ILE A 12 -11.23 9.59 10.59
C ILE A 12 -11.03 8.23 11.26
N ASP A 13 -10.08 7.46 10.73
CA ASP A 13 -9.71 6.14 11.29
C ASP A 13 -8.83 6.36 12.53
N PRO A 14 -9.33 6.02 13.74
CA PRO A 14 -8.54 6.28 14.93
C PRO A 14 -7.29 5.41 15.05
N TYR A 15 -7.10 4.42 14.19
CA TYR A 15 -5.93 3.54 14.28
C TYR A 15 -4.90 3.80 13.16
N SER A 16 -5.13 4.76 12.26
CA SER A 16 -4.26 4.99 11.14
C SER A 16 -3.00 5.75 11.53
N LYS A 17 -2.01 5.60 10.67
CA LYS A 17 -0.75 6.34 10.76
C LYS A 17 -0.93 7.73 10.13
N GLY A 18 0.02 8.61 10.40
CA GLY A 18 0.04 9.94 9.84
C GLY A 18 -1.03 10.87 10.31
N LEU A 19 -1.50 10.66 11.55
CA LEU A 19 -2.56 11.46 12.13
C LEU A 19 -2.18 12.02 13.48
N GLY A 20 -2.91 13.04 13.90
CA GLY A 20 -2.93 13.42 15.31
C GLY A 20 -3.83 12.55 16.19
N MSE A 21 -4.08 13.05 17.39
CA MSE A 21 -4.95 12.41 18.36
C MSE A 21 -6.37 12.41 17.82
O MSE A 21 -6.92 13.47 17.47
CB MSE A 21 -4.90 13.23 19.66
CG MSE A 21 -4.85 12.44 20.97
SE MSE A 21 -6.35 11.39 21.32
CE MSE A 21 -7.63 12.42 20.84
N VAL A 22 -6.97 11.24 17.68
CA VAL A 22 -8.35 11.12 17.15
C VAL A 22 -9.20 10.66 18.32
N PRO A 23 -9.97 11.61 18.91
CA PRO A 23 -10.61 11.38 20.20
C PRO A 23 -11.95 10.69 20.18
N GLY A 24 -12.37 10.27 19.01
CA GLY A 24 -13.61 9.52 18.83
C GLY A 24 -13.58 8.70 17.56
N THR A 25 -14.61 7.88 17.36
CA THR A 25 -14.69 7.01 16.21
C THR A 25 -15.65 7.55 15.16
N SER A 26 -16.29 8.68 15.44
CA SER A 26 -17.24 9.25 14.52
C SER A 26 -16.90 10.67 14.16
N ILE A 27 -15.61 11.02 14.10
CA ILE A 27 -15.21 12.36 13.69
C ILE A 27 -15.17 12.41 12.16
N GLN A 28 -16.00 13.27 11.57
CA GLN A 28 -16.12 13.39 10.13
CA GLN A 28 -16.11 13.35 10.13
C GLN A 28 -14.78 13.86 9.54
N LEU A 29 -14.38 13.24 8.42
CA LEU A 29 -13.15 13.64 7.75
C LEU A 29 -13.07 15.14 7.49
N THR A 30 -14.22 15.71 7.15
CA THR A 30 -14.35 17.13 6.86
C THR A 30 -14.37 18.03 8.09
N ASP A 31 -14.46 17.45 9.29
CA ASP A 31 -14.42 18.17 10.57
C ASP A 31 -13.05 18.11 11.22
N ALA A 32 -12.05 17.64 10.47
CA ALA A 32 -10.69 17.51 10.99
C ALA A 32 -10.17 18.81 11.59
N ALA A 33 -10.53 19.95 10.99
CA ALA A 33 -10.08 21.26 11.46
C ALA A 33 -10.45 21.52 12.91
N ARG A 34 -11.53 20.93 13.38
CA ARG A 34 -11.93 21.11 14.78
C ARG A 34 -10.98 20.50 15.78
N LEU A 35 -10.16 19.55 15.34
CA LEU A 35 -9.21 18.87 16.23
C LEU A 35 -7.98 19.74 16.46
N GLU A 36 -7.83 20.80 15.65
CA GLU A 36 -6.75 21.76 15.78
C GLU A 36 -5.36 21.13 15.75
N TRP A 37 -5.09 20.31 14.74
CA TRP A 37 -3.79 19.71 14.59
C TRP A 37 -2.95 20.69 13.83
N ASN A 38 -1.76 21.00 14.35
CA ASN A 38 -0.78 21.77 13.58
C ASN A 38 0.49 20.93 13.44
N LEU A 39 0.91 20.73 12.19
CA LEU A 39 2.09 19.93 11.86
C LEU A 39 3.37 20.38 12.56
N LEU A 40 3.58 21.70 12.63
CA LEU A 40 4.81 22.25 13.26
C LEU A 40 4.77 22.13 14.76
N ASN A 41 3.57 21.99 15.34
CA ASN A 41 3.47 21.87 16.81
C ASN A 41 3.64 20.42 17.29
N GLU A 42 3.93 19.54 16.34
CA GLU A 42 4.10 18.10 16.55
C GLU A 42 2.81 17.43 17.07
N ASP A 43 1.65 17.90 16.60
CA ASP A 43 0.37 17.30 16.93
C ASP A 43 0.13 16.02 16.17
N VAL A 44 0.85 15.85 15.06
CA VAL A 44 0.61 14.77 14.14
C VAL A 44 1.79 13.78 14.18
N SER A 45 1.48 12.49 14.14
CA SER A 45 2.52 11.42 14.02
C SER A 45 3.22 11.47 12.68
N LEU A 46 4.56 11.50 12.71
CA LEU A 46 5.36 11.35 11.51
C LEU A 46 5.85 9.88 11.43
N PRO A 47 5.93 9.35 10.21
CA PRO A 47 5.70 10.11 8.98
C PRO A 47 4.23 10.40 8.66
N ALA A 48 4.02 11.44 7.87
CA ALA A 48 2.71 11.83 7.37
C ALA A 48 2.77 12.27 5.93
N ALA A 49 1.66 12.07 5.25
CA ALA A 49 1.51 12.53 3.87
C ALA A 49 0.69 13.80 3.94
N VAL A 50 1.22 14.85 3.34
CA VAL A 50 0.67 16.17 3.50
C VAL A 50 0.39 16.82 2.15
N LEU A 51 -0.88 17.08 1.91
CA LEU A 51 -1.30 17.84 0.76
C LEU A 51 -1.48 19.28 1.15
N TYR A 52 -1.05 20.18 0.28
CA TYR A 52 -1.24 21.61 0.54
C TYR A 52 -2.53 22.10 -0.14
N ALA A 53 -3.53 22.49 0.66
CA ALA A 53 -4.85 22.88 0.18
C ALA A 53 -4.73 23.90 -0.97
N ASP A 54 -3.92 24.92 -0.80
CA ASP A 54 -3.90 26.01 -1.78
C ASP A 54 -3.33 25.55 -3.13
N ARG A 55 -2.40 24.61 -3.08
CA ARG A 55 -1.87 23.98 -4.29
C ARG A 55 -2.80 22.99 -4.96
N VAL A 56 -3.55 22.23 -4.19
CA VAL A 56 -4.53 21.30 -4.78
C VAL A 56 -5.55 22.13 -5.53
N GLU A 57 -5.98 23.21 -4.91
CA GLU A 57 -7.03 24.06 -5.46
C GLU A 57 -6.53 24.82 -6.69
N HIS A 58 -5.29 25.30 -6.64
CA HIS A 58 -4.65 25.95 -7.79
C HIS A 58 -4.59 25.00 -8.99
N ASN A 59 -4.17 23.76 -8.76
CA ASN A 59 -4.13 22.76 -9.82
C ASN A 59 -5.50 22.45 -10.44
N LEU A 60 -6.52 22.28 -9.60
CA LEU A 60 -7.90 22.06 -10.09
C LEU A 60 -8.38 23.26 -10.90
N LYS A 61 -8.18 24.47 -10.37
CA LYS A 61 -8.56 25.68 -11.09
C LYS A 61 -7.84 25.85 -12.44
N TRP A 62 -6.58 25.45 -12.49
CA TRP A 62 -5.84 25.50 -13.75
C TRP A 62 -6.41 24.54 -14.82
N MSE A 63 -6.70 23.33 -14.41
CA MSE A 63 -7.31 22.33 -15.29
C MSE A 63 -8.71 22.75 -15.69
O MSE A 63 -9.14 22.48 -16.82
CB MSE A 63 -7.38 20.97 -14.59
CG MSE A 63 -6.02 20.29 -14.47
SE MSE A 63 -5.14 19.91 -16.21
CE MSE A 63 -6.55 19.23 -17.06
N GLN A 64 -9.42 23.39 -14.78
CA GLN A 64 -10.72 23.94 -15.09
C GLN A 64 -10.62 24.98 -16.21
N ALA A 65 -9.67 25.90 -16.07
CA ALA A 65 -9.40 26.93 -17.07
C ALA A 65 -8.96 26.34 -18.41
N PHE A 66 -8.14 25.30 -18.35
CA PHE A 66 -7.65 24.60 -19.54
C PHE A 66 -8.78 23.94 -20.30
N VAL A 67 -9.71 23.33 -19.58
CA VAL A 67 -10.81 22.62 -20.19
C VAL A 67 -11.76 23.60 -20.87
N ALA A 68 -11.94 24.77 -20.26
CA ALA A 68 -12.71 25.85 -20.87
C ALA A 68 -12.04 26.43 -22.12
N GLU A 69 -10.72 26.54 -22.15
CA GLU A 69 -10.02 27.05 -23.33
C GLU A 69 -10.15 26.08 -24.52
N TYR A 70 -9.87 24.79 -24.28
CA TYR A 70 -9.77 23.79 -25.34
C TYR A 70 -10.99 22.89 -25.53
N GLY A 71 -11.99 22.98 -24.66
CA GLY A 71 -13.19 22.18 -24.81
C GLY A 71 -13.02 20.67 -24.64
N VAL A 72 -11.96 20.24 -23.92
CA VAL A 72 -11.69 18.82 -23.77
C VAL A 72 -12.50 18.21 -22.61
N LYS A 73 -13.01 17.01 -22.86
CA LYS A 73 -13.69 16.22 -21.84
C LYS A 73 -12.70 15.23 -21.24
N LEU A 74 -12.54 15.32 -19.93
CA LEU A 74 -11.54 14.57 -19.23
C LEU A 74 -12.19 13.65 -18.22
N ALA A 75 -11.69 12.42 -18.17
CA ALA A 75 -12.06 11.47 -17.13
C ALA A 75 -10.76 11.05 -16.45
N PRO A 76 -10.28 11.88 -15.51
CA PRO A 76 -8.97 11.60 -14.93
C PRO A 76 -8.93 10.26 -14.22
N HIS A 77 -7.79 9.56 -14.31
CA HIS A 77 -7.55 8.28 -13.63
CA HIS A 77 -7.72 8.27 -13.64
C HIS A 77 -7.63 8.44 -12.12
N GLY A 78 -8.48 7.71 -11.44
CA GLY A 78 -8.54 7.75 -10.00
C GLY A 78 -7.82 6.58 -9.32
N LYS A 79 -7.28 5.64 -10.09
CA LYS A 79 -6.72 4.38 -9.53
C LYS A 79 -5.51 4.60 -8.67
N THR A 80 -4.85 5.73 -8.84
CA THR A 80 -3.58 5.95 -8.18
C THR A 80 -3.77 6.58 -6.80
N THR A 81 -4.84 7.38 -6.64
CA THR A 81 -5.20 8.03 -5.37
C THR A 81 -6.38 7.37 -4.64
N MSE A 82 -7.38 6.86 -5.37
CA MSE A 82 -8.53 6.22 -4.74
C MSE A 82 -9.08 7.02 -3.55
O MSE A 82 -9.41 6.48 -2.48
CB MSE A 82 -8.22 4.77 -4.36
CG MSE A 82 -8.15 3.80 -5.52
SE MSE A 82 -9.62 4.06 -6.75
CE MSE A 82 -11.13 3.78 -5.58
N ALA A 83 -9.21 8.34 -3.78
CA ALA A 83 -9.64 9.33 -2.80
C ALA A 83 -10.86 10.06 -3.35
N PRO A 84 -12.07 9.52 -3.10
CA PRO A 84 -13.29 10.20 -3.59
C PRO A 84 -13.51 11.68 -3.17
N GLN A 85 -12.95 12.12 -2.07
CA GLN A 85 -12.96 13.54 -1.75
C GLN A 85 -12.30 14.37 -2.89
N LEU A 86 -11.20 13.85 -3.41
CA LEU A 86 -10.51 14.47 -4.53
C LEU A 86 -11.29 14.28 -5.82
N PHE A 87 -11.88 13.09 -6.05
CA PHE A 87 -12.73 12.85 -7.23
C PHE A 87 -13.86 13.89 -7.28
N ARG A 88 -14.51 14.15 -6.14
CA ARG A 88 -15.62 15.11 -6.10
C ARG A 88 -15.17 16.51 -6.49
N ARG A 89 -14.02 16.95 -5.99
CA ARG A 89 -13.44 18.24 -6.42
C ARG A 89 -13.16 18.28 -7.92
N GLN A 90 -12.63 17.19 -8.46
CA GLN A 90 -12.39 17.11 -9.90
C GLN A 90 -13.67 17.29 -10.70
N LEU A 91 -14.73 16.58 -10.32
CA LEU A 91 -16.01 16.67 -10.98
C LEU A 91 -16.69 18.03 -10.79
N GLU A 92 -16.49 18.64 -9.62
CA GLU A 92 -17.07 19.95 -9.34
C GLU A 92 -16.41 21.03 -10.17
N THR A 93 -15.16 20.79 -10.60
CA THR A 93 -14.43 21.75 -11.42
C THR A 93 -14.32 21.30 -12.90
N GLY A 94 -15.23 20.42 -13.32
CA GLY A 94 -15.43 20.18 -14.75
C GLY A 94 -15.05 18.84 -15.35
N ALA A 95 -14.52 17.91 -14.54
CA ALA A 95 -14.26 16.57 -15.05
C ALA A 95 -15.58 15.97 -15.54
N TRP A 96 -15.50 15.26 -16.66
CA TRP A 96 -16.63 14.56 -17.25
C TRP A 96 -17.04 13.30 -16.46
N GLY A 97 -16.06 12.67 -15.83
CA GLY A 97 -16.24 11.48 -15.03
C GLY A 97 -14.90 11.10 -14.46
N ILE A 98 -14.83 9.92 -13.82
CA ILE A 98 -13.59 9.38 -13.26
C ILE A 98 -13.31 8.02 -13.92
N THR A 99 -12.07 7.83 -14.38
CA THR A 99 -11.59 6.57 -14.93
C THR A 99 -11.00 5.72 -13.81
N LEU A 100 -11.44 4.46 -13.74
CA LEU A 100 -11.00 3.49 -12.73
C LEU A 100 -10.73 2.14 -13.32
N ALA A 101 -10.17 1.25 -12.50
CA ALA A 101 -9.62 -0.02 -12.99
C ALA A 101 -10.39 -1.28 -12.57
N THR A 102 -11.02 -1.30 -11.39
CA THR A 102 -11.60 -2.52 -10.81
C THR A 102 -13.00 -2.24 -10.26
N ALA A 103 -13.84 -3.27 -10.23
CA ALA A 103 -15.16 -3.22 -9.59
C ALA A 103 -15.09 -2.65 -8.18
N HIS A 104 -14.13 -3.12 -7.39
CA HIS A 104 -13.91 -2.55 -6.04
C HIS A 104 -13.73 -1.02 -6.01
N GLN A 105 -12.88 -0.51 -6.89
CA GLN A 105 -12.72 0.93 -7.04
C GLN A 105 -13.96 1.66 -7.49
N VAL A 106 -14.71 1.09 -8.44
CA VAL A 106 -15.96 1.71 -8.89
C VAL A 106 -16.93 1.90 -7.70
N ARG A 107 -17.06 0.84 -6.91
CA ARG A 107 -17.94 0.84 -5.74
CA ARG A 107 -17.98 0.87 -5.75
C ARG A 107 -17.56 1.94 -4.73
N ALA A 108 -16.26 2.04 -4.43
CA ALA A 108 -15.70 3.09 -3.55
C ALA A 108 -16.05 4.47 -4.09
N ALA A 109 -15.81 4.69 -5.40
CA ALA A 109 -16.10 5.98 -6.03
C ALA A 109 -17.58 6.31 -5.98
N TYR A 110 -18.41 5.32 -6.29
CA TYR A 110 -19.84 5.46 -6.17
C TYR A 110 -20.26 5.90 -4.74
N HIS A 111 -19.78 5.19 -3.74
CA HIS A 111 -20.02 5.47 -2.32
CA HIS A 111 -20.19 5.55 -2.40
C HIS A 111 -19.58 6.89 -1.93
N GLY A 112 -18.50 7.36 -2.58
CA GLY A 112 -18.01 8.73 -2.38
C GLY A 112 -18.64 9.78 -3.27
N GLY A 113 -19.69 9.42 -4.00
CA GLY A 113 -20.54 10.37 -4.69
C GLY A 113 -20.16 10.67 -6.12
N VAL A 114 -19.32 9.85 -6.71
CA VAL A 114 -19.00 9.98 -8.15
C VAL A 114 -20.16 9.45 -8.98
N SER A 115 -20.64 10.24 -9.93
CA SER A 115 -21.85 9.87 -10.66
C SER A 115 -21.59 9.35 -12.09
N ARG A 116 -20.33 9.38 -12.52
CA ARG A 116 -19.96 8.74 -13.80
C ARG A 116 -18.58 8.17 -13.76
N VAL A 117 -18.51 6.87 -14.01
CA VAL A 117 -17.28 6.12 -14.04
C VAL A 117 -17.09 5.40 -15.36
N LEU A 118 -15.88 5.60 -15.91
CA LEU A 118 -15.36 4.85 -17.04
C LEU A 118 -14.39 3.81 -16.45
N MSE A 119 -14.83 2.59 -16.27
CA MSE A 119 -13.91 1.53 -15.89
C MSE A 119 -13.12 1.07 -17.11
O MSE A 119 -13.62 0.28 -17.93
CB MSE A 119 -14.66 0.35 -15.33
CG MSE A 119 -13.72 -0.79 -14.90
SE MSE A 119 -14.68 -2.10 -13.86
CE MSE A 119 -13.62 -3.64 -14.30
N ALA A 120 -11.87 1.52 -17.18
CA ALA A 120 -10.98 1.31 -18.32
C ALA A 120 -10.31 -0.06 -18.18
N ASN A 121 -11.13 -1.09 -18.11
CA ASN A 121 -10.69 -2.45 -17.90
C ASN A 121 -11.85 -3.41 -18.23
N GLN A 122 -11.50 -4.67 -18.48
CA GLN A 122 -12.48 -5.75 -18.61
C GLN A 122 -13.06 -6.02 -17.24
N LEU A 123 -14.35 -6.32 -17.21
CA LEU A 123 -15.07 -6.67 -15.99
C LEU A 123 -15.34 -8.16 -16.02
N VAL A 124 -14.70 -8.89 -15.10
CA VAL A 124 -14.65 -10.35 -15.13
C VAL A 124 -14.90 -10.87 -13.72
N GLY A 125 -15.66 -11.95 -13.61
CA GLY A 125 -15.88 -12.60 -12.32
C GLY A 125 -17.21 -12.23 -11.72
N ARG A 126 -17.93 -13.22 -11.21
CA ARG A 126 -19.30 -13.03 -10.76
CA ARG A 126 -19.30 -13.04 -10.76
C ARG A 126 -19.43 -11.99 -9.66
N ARG A 127 -18.55 -12.01 -8.64
CA ARG A 127 -18.62 -11.00 -7.58
C ARG A 127 -18.27 -9.60 -8.09
N ASN A 128 -17.24 -9.48 -8.92
CA ASN A 128 -16.94 -8.19 -9.55
C ASN A 128 -18.11 -7.62 -10.33
N MSE A 129 -18.74 -8.47 -11.13
CA MSE A 129 -19.92 -8.09 -11.91
CA MSE A 129 -19.93 -8.08 -11.91
C MSE A 129 -21.09 -7.70 -11.00
O MSE A 129 -21.77 -6.71 -11.24
CB MSE A 129 -20.34 -9.24 -12.83
CB MSE A 129 -20.37 -9.21 -12.83
CG MSE A 129 -19.32 -9.57 -13.93
CG MSE A 129 -19.49 -9.44 -14.04
SE MSE A 129 -20.00 -10.77 -15.29
SE MSE A 129 -20.13 -10.92 -15.11
CE MSE A 129 -19.71 -12.57 -14.50
CE MSE A 129 -18.54 -11.05 -16.19
N MSE A 130 -21.33 -8.50 -9.99
CA MSE A 130 -22.39 -8.23 -9.02
C MSE A 130 -22.17 -6.89 -8.29
O MSE A 130 -23.14 -6.15 -8.05
CB MSE A 130 -22.52 -9.37 -8.03
CG MSE A 130 -23.63 -9.14 -7.01
SE MSE A 130 -25.39 -9.27 -7.85
CE MSE A 130 -25.35 -11.18 -8.08
N MSE A 131 -20.91 -6.57 -7.98
CA MSE A 131 -20.58 -5.31 -7.34
CA MSE A 131 -20.60 -5.31 -7.33
C MSE A 131 -21.00 -4.13 -8.22
O MSE A 131 -21.58 -3.19 -7.74
CB MSE A 131 -19.08 -5.25 -7.03
CB MSE A 131 -19.10 -5.21 -6.98
CG MSE A 131 -18.72 -4.36 -5.88
CG MSE A 131 -18.61 -6.20 -5.93
SE MSE A 131 -17.10 -4.87 -4.93
SE MSE A 131 -16.66 -6.20 -5.89
CE MSE A 131 -16.90 -6.70 -5.59
CE MSE A 131 -16.45 -4.51 -5.16
N VAL A 132 -20.68 -4.21 -9.52
CA VAL A 132 -21.17 -3.18 -10.48
C VAL A 132 -22.71 -3.17 -10.64
N ALA A 133 -23.32 -4.36 -10.81
CA ALA A 133 -24.79 -4.51 -10.87
C ALA A 133 -25.51 -3.79 -9.72
N GLU A 134 -25.03 -3.96 -8.49
CA GLU A 134 -25.65 -3.30 -7.33
C GLU A 134 -25.77 -1.77 -7.47
N LEU A 135 -24.77 -1.15 -8.12
CA LEU A 135 -24.72 0.30 -8.28
C LEU A 135 -25.69 0.78 -9.38
N LEU A 136 -25.99 -0.09 -10.34
CA LEU A 136 -26.79 0.26 -11.50
C LEU A 136 -28.27 0.44 -11.14
N SER A 137 -28.63 0.17 -9.89
CA SER A 137 -29.99 0.45 -9.44
CA SER A 137 -29.97 0.44 -9.40
C SER A 137 -30.15 1.94 -9.13
N ASP A 138 -29.04 2.68 -9.16
CA ASP A 138 -29.07 4.15 -8.99
C ASP A 138 -29.22 4.78 -10.37
N PRO A 139 -30.39 5.35 -10.67
CA PRO A 139 -30.60 5.85 -12.03
C PRO A 139 -29.75 7.09 -12.37
N GLU A 140 -29.16 7.73 -11.38
CA GLU A 140 -28.24 8.88 -11.58
C GLU A 140 -26.77 8.47 -11.82
N PHE A 141 -26.47 7.18 -11.74
CA PHE A 141 -25.11 6.68 -11.94
C PHE A 141 -24.94 6.20 -13.38
N GLU A 142 -23.89 6.66 -14.04
CA GLU A 142 -23.55 6.14 -15.35
C GLU A 142 -22.23 5.36 -15.31
N PHE A 143 -22.24 4.18 -15.91
CA PHE A 143 -21.11 3.28 -15.91
C PHE A 143 -20.77 2.84 -17.32
N PHE A 144 -19.48 2.60 -17.58
CA PHE A 144 -18.95 1.95 -18.78
C PHE A 144 -17.84 0.99 -18.37
N CYS A 145 -17.76 -0.15 -19.03
CA CYS A 145 -16.54 -0.99 -18.95
C CYS A 145 -16.09 -1.36 -20.37
N LEU A 146 -14.96 -2.07 -20.49
CA LEU A 146 -14.37 -2.39 -21.80
C LEU A 146 -14.58 -3.85 -22.14
N VAL A 147 -14.82 -4.14 -23.42
CA VAL A 147 -14.88 -5.53 -23.89
C VAL A 147 -13.85 -5.71 -25.00
N ASP A 148 -13.14 -6.83 -24.97
CA ASP A 148 -12.18 -7.17 -26.03
C ASP A 148 -12.24 -8.63 -26.48
N SER A 149 -13.27 -9.37 -26.12
CA SER A 149 -13.30 -10.80 -26.43
C SER A 149 -14.72 -11.30 -26.41
N VAL A 150 -15.04 -12.31 -27.23
CA VAL A 150 -16.39 -12.90 -27.28
C VAL A 150 -16.71 -13.55 -25.94
N GLU A 151 -15.73 -14.28 -25.39
CA GLU A 151 -15.93 -14.97 -24.12
C GLU A 151 -16.33 -13.96 -23.03
N GLY A 152 -15.66 -12.82 -23.02
CA GLY A 152 -15.92 -11.77 -22.05
C GLY A 152 -17.28 -11.14 -22.23
N VAL A 153 -17.68 -10.95 -23.48
CA VAL A 153 -18.97 -10.36 -23.81
C VAL A 153 -20.09 -11.29 -23.39
N GLU A 154 -19.93 -12.58 -23.67
CA GLU A 154 -20.91 -13.60 -23.29
C GLU A 154 -21.07 -13.74 -21.79
N GLN A 155 -19.96 -13.74 -21.08
CA GLN A 155 -20.04 -13.79 -19.62
C GLN A 155 -20.77 -12.57 -19.02
N LEU A 156 -20.50 -11.38 -19.57
CA LEU A 156 -21.22 -10.17 -19.14
C LEU A 156 -22.71 -10.26 -19.51
N GLY A 157 -22.99 -10.57 -20.78
CA GLY A 157 -24.37 -10.68 -21.28
C GLY A 157 -25.22 -11.60 -20.44
N GLU A 158 -24.73 -12.81 -20.20
CA GLU A 158 -25.44 -13.80 -19.40
C GLU A 158 -25.67 -13.33 -17.98
N PHE A 159 -24.65 -12.75 -17.33
CA PHE A 159 -24.80 -12.29 -15.99
C PHE A 159 -25.81 -11.14 -15.88
N PHE A 160 -25.59 -10.06 -16.63
CA PHE A 160 -26.50 -8.90 -16.56
C PHE A 160 -27.93 -9.18 -17.02
N LYS A 161 -28.10 -10.08 -17.99
CA LYS A 161 -29.44 -10.58 -18.32
C LYS A 161 -30.08 -11.30 -17.13
N SER A 162 -29.30 -12.11 -16.42
CA SER A 162 -29.83 -12.86 -15.28
C SER A 162 -30.22 -11.99 -14.07
N VAL A 163 -29.67 -10.77 -13.98
CA VAL A 163 -30.06 -9.82 -12.93
C VAL A 163 -30.96 -8.71 -13.48
N ASN A 164 -31.44 -8.86 -14.71
CA ASN A 164 -32.34 -7.89 -15.34
C ASN A 164 -31.80 -6.46 -15.44
N LYS A 165 -30.50 -6.33 -15.65
CA LYS A 165 -29.91 -5.00 -15.83
C LYS A 165 -29.26 -4.85 -17.19
N GLN A 166 -28.96 -3.61 -17.54
CA GLN A 166 -28.33 -3.27 -18.80
C GLN A 166 -26.94 -2.70 -18.50
N LEU A 167 -25.98 -2.90 -19.41
CA LEU A 167 -24.60 -2.46 -19.17
C LEU A 167 -24.02 -1.79 -20.41
N GLN A 168 -23.42 -0.61 -20.24
CA GLN A 168 -22.76 0.06 -21.33
C GLN A 168 -21.35 -0.47 -21.44
N VAL A 169 -20.95 -0.86 -22.65
CA VAL A 169 -19.61 -1.34 -22.92
C VAL A 169 -18.98 -0.53 -24.01
N LEU A 170 -17.66 -0.38 -23.94
CA LEU A 170 -16.87 0.22 -24.99
C LEU A 170 -16.01 -0.87 -25.65
N LEU A 171 -16.05 -0.93 -26.98
CA LEU A 171 -15.11 -1.78 -27.71
C LEU A 171 -13.70 -1.24 -27.55
N GLU A 172 -12.82 -2.10 -27.02
CA GLU A 172 -11.43 -1.77 -26.82
C GLU A 172 -10.62 -2.32 -28.00
N LEU A 173 -9.94 -1.42 -28.70
CA LEU A 173 -8.99 -1.74 -29.74
C LEU A 173 -7.59 -1.87 -29.16
N GLY A 174 -6.88 -2.91 -29.61
CA GLY A 174 -5.53 -3.21 -29.21
C GLY A 174 -4.57 -3.32 -30.37
N VAL A 175 -3.33 -3.68 -30.06
CA VAL A 175 -2.26 -3.80 -31.06
C VAL A 175 -1.45 -5.07 -30.79
N PRO A 176 -0.89 -5.69 -31.86
CA PRO A 176 -0.03 -6.87 -31.69
C PRO A 176 1.12 -6.62 -30.69
N GLY A 177 1.38 -7.59 -29.83
CA GLY A 177 2.38 -7.44 -28.78
C GLY A 177 2.02 -6.43 -27.70
N GLY A 178 0.75 -6.00 -27.70
CA GLY A 178 0.28 -4.99 -26.74
C GLY A 178 -0.30 -5.55 -25.46
N ARG A 179 -1.26 -4.83 -24.88
CA ARG A 179 -1.92 -5.30 -23.66
C ARG A 179 -3.25 -5.95 -24.05
N THR A 180 -4.37 -5.32 -23.73
CA THR A 180 -5.68 -5.87 -24.05
C THR A 180 -6.15 -5.25 -25.35
N GLY A 181 -7.36 -5.62 -25.78
CA GLY A 181 -7.98 -5.01 -26.94
C GLY A 181 -7.92 -5.91 -28.15
N VAL A 182 -8.94 -5.81 -28.99
CA VAL A 182 -9.01 -6.62 -30.19
C VAL A 182 -7.83 -6.27 -31.10
N ARG A 183 -7.25 -7.30 -31.69
CA ARG A 183 -6.02 -7.15 -32.46
C ARG A 183 -6.32 -6.81 -33.93
N ASP A 184 -7.38 -7.40 -34.49
CA ASP A 184 -7.67 -7.28 -35.92
C ASP A 184 -9.19 -7.21 -36.23
N ALA A 185 -9.52 -7.12 -37.51
CA ALA A 185 -10.92 -6.97 -37.98
C ALA A 185 -11.80 -8.19 -37.68
N ALA A 186 -11.21 -9.37 -37.80
CA ALA A 186 -11.90 -10.62 -37.50
C ALA A 186 -12.32 -10.64 -36.02
N GLN A 187 -11.33 -10.43 -35.16
CA GLN A 187 -11.57 -10.36 -33.71
C GLN A 187 -12.57 -9.24 -33.37
N ARG A 188 -12.40 -8.08 -33.98
CA ARG A 188 -13.30 -6.94 -33.78
CA ARG A 188 -13.30 -6.93 -33.78
C ARG A 188 -14.76 -7.25 -34.12
N ASN A 189 -15.00 -7.87 -35.28
CA ASN A 189 -16.35 -8.21 -35.72
C ASN A 189 -16.96 -9.34 -34.88
N ALA A 190 -16.12 -10.26 -34.41
CA ALA A 190 -16.61 -11.32 -33.54
C ALA A 190 -17.10 -10.71 -32.21
N VAL A 191 -16.36 -9.77 -31.66
CA VAL A 191 -16.79 -9.07 -30.44
C VAL A 191 -18.10 -8.27 -30.69
N LEU A 192 -18.15 -7.48 -31.75
CA LEU A 192 -19.37 -6.71 -32.08
C LEU A 192 -20.62 -7.61 -32.26
N GLU A 193 -20.45 -8.73 -32.97
CA GLU A 193 -21.54 -9.71 -33.17
C GLU A 193 -22.03 -10.31 -31.85
N ALA A 194 -21.08 -10.63 -30.98
CA ALA A 194 -21.40 -11.17 -29.65
C ALA A 194 -22.21 -10.18 -28.84
N ILE A 195 -21.80 -8.92 -28.87
CA ILE A 195 -22.58 -7.83 -28.27
C ILE A 195 -24.03 -7.82 -28.77
N THR A 196 -24.22 -8.02 -30.07
CA THR A 196 -25.58 -7.97 -30.66
C THR A 196 -26.42 -9.19 -30.28
N ARG A 197 -25.80 -10.20 -29.67
CA ARG A 197 -26.57 -11.33 -29.14
C ARG A 197 -27.28 -11.05 -27.81
N TYR A 198 -26.95 -9.92 -27.16
CA TYR A 198 -27.60 -9.49 -25.92
C TYR A 198 -28.27 -8.12 -26.10
N PRO A 199 -29.25 -8.04 -27.03
CA PRO A 199 -29.76 -6.73 -27.47
C PRO A 199 -30.44 -5.90 -26.38
N ASP A 200 -31.00 -6.53 -25.35
CA ASP A 200 -31.67 -5.76 -24.30
C ASP A 200 -30.83 -5.69 -23.05
N THR A 201 -29.58 -6.17 -23.12
CA THR A 201 -28.72 -6.21 -21.95
C THR A 201 -27.46 -5.41 -22.18
N LEU A 202 -26.68 -5.74 -23.22
CA LEU A 202 -25.42 -5.01 -23.46
C LEU A 202 -25.66 -3.84 -24.43
N LYS A 203 -25.13 -2.67 -24.08
CA LYS A 203 -25.36 -1.48 -24.87
C LYS A 203 -23.98 -1.00 -25.32
N LEU A 204 -23.68 -1.14 -26.61
CA LEU A 204 -22.42 -0.62 -27.15
C LEU A 204 -22.45 0.92 -27.06
N ALA A 205 -21.59 1.49 -26.22
CA ALA A 205 -21.62 2.94 -25.94
C ALA A 205 -20.48 3.68 -26.59
N GLY A 206 -19.56 2.95 -27.22
CA GLY A 206 -18.45 3.58 -27.89
C GLY A 206 -17.22 2.73 -28.06
N VAL A 207 -16.10 3.42 -28.24
CA VAL A 207 -14.84 2.81 -28.62
C VAL A 207 -13.72 3.36 -27.76
N GLU A 208 -12.82 2.48 -27.29
CA GLU A 208 -11.70 2.88 -26.45
C GLU A 208 -10.37 2.28 -26.87
N LEU A 209 -9.28 3.00 -26.62
CA LEU A 209 -7.92 2.46 -26.77
C LEU A 209 -6.99 3.08 -25.76
N TYR A 210 -5.91 2.36 -25.46
CA TYR A 210 -4.75 2.93 -24.78
C TYR A 210 -3.57 2.96 -25.75
N GLU A 211 -3.32 4.14 -26.32
CA GLU A 211 -2.36 4.33 -27.41
C GLU A 211 -0.88 4.25 -27.02
N GLY A 212 -0.58 4.47 -25.75
CA GLY A 212 0.80 4.50 -25.28
C GLY A 212 1.43 3.14 -25.03
N VAL A 213 0.77 2.06 -25.48
CA VAL A 213 1.45 0.75 -25.56
C VAL A 213 2.50 0.86 -26.64
N LEU A 214 2.23 1.72 -27.62
CA LEU A 214 3.16 2.05 -28.70
C LEU A 214 4.11 3.19 -28.31
N LYS A 215 5.33 3.13 -28.83
CA LYS A 215 6.40 4.08 -28.49
C LYS A 215 6.70 5.08 -29.61
N GLU A 216 6.67 4.64 -30.88
CA GLU A 216 6.91 5.54 -32.00
C GLU A 216 5.63 6.30 -32.35
N GLU A 217 5.79 7.50 -32.90
CA GLU A 217 4.66 8.39 -33.19
C GLU A 217 3.84 7.96 -34.40
N HIS A 218 4.49 7.50 -35.47
CA HIS A 218 3.73 7.10 -36.68
C HIS A 218 2.82 5.89 -36.38
N GLU A 219 3.28 5.01 -35.50
CA GLU A 219 2.46 3.89 -35.00
C GLU A 219 1.23 4.36 -34.21
N VAL A 220 1.46 5.24 -33.23
CA VAL A 220 0.37 5.83 -32.44
C VAL A 220 -0.69 6.45 -33.36
N ARG A 221 -0.26 7.28 -34.29
CA ARG A 221 -1.19 7.96 -35.19
C ARG A 221 -2.01 6.97 -35.99
N GLU A 222 -1.37 5.87 -36.37
CA GLU A 222 -1.99 4.83 -37.19
C GLU A 222 -3.09 4.15 -36.38
N PHE A 223 -2.74 3.83 -35.14
CA PHE A 223 -3.64 3.24 -34.16
C PHE A 223 -4.81 4.19 -33.87
N LEU A 224 -4.52 5.45 -33.57
CA LEU A 224 -5.56 6.47 -33.39
C LEU A 224 -6.45 6.58 -34.63
N GLN A 225 -5.84 6.57 -35.83
CA GLN A 225 -6.62 6.62 -37.06
C GLN A 225 -7.60 5.45 -37.19
N SER A 226 -7.12 4.25 -36.85
CA SER A 226 -7.97 3.06 -36.81
C SER A 226 -9.18 3.24 -35.86
N ALA A 227 -8.93 3.75 -34.67
CA ALA A 227 -9.98 4.07 -33.71
C ALA A 227 -11.05 4.98 -34.32
N VAL A 228 -10.61 6.08 -34.93
CA VAL A 228 -11.53 7.00 -35.61
C VAL A 228 -12.35 6.33 -36.74
N ALA A 229 -11.68 5.50 -37.53
CA ALA A 229 -12.31 4.76 -38.63
C ALA A 229 -13.36 3.76 -38.13
N VAL A 230 -13.02 2.98 -37.10
CA VAL A 230 -13.97 2.06 -36.50
C VAL A 230 -15.17 2.80 -35.90
N THR A 231 -14.92 3.92 -35.22
CA THR A 231 -16.00 4.72 -34.65
C THR A 231 -16.93 5.24 -35.75
N ARG A 232 -16.35 5.86 -36.78
CA ARG A 232 -17.14 6.43 -37.91
C ARG A 232 -18.04 5.36 -38.54
N GLU A 233 -17.46 4.19 -38.80
CA GLU A 233 -18.16 3.04 -39.36
C GLU A 233 -19.36 2.64 -38.49
N LEU A 234 -19.19 2.67 -37.16
CA LEU A 234 -20.28 2.26 -36.26
C LEU A 234 -21.35 3.35 -36.16
N VAL A 235 -20.94 4.62 -36.21
CA VAL A 235 -21.89 5.74 -36.36
C VAL A 235 -22.79 5.61 -37.60
N GLU A 236 -22.19 5.26 -38.75
CA GLU A 236 -22.92 5.14 -40.02
C GLU A 236 -23.86 3.95 -40.01
N GLN A 237 -23.40 2.82 -39.47
CA GLN A 237 -24.23 1.63 -39.33
C GLN A 237 -25.23 1.75 -38.19
N GLU A 238 -25.09 2.79 -37.36
CA GLU A 238 -25.99 3.04 -36.24
C GLU A 238 -25.97 1.84 -35.29
N ARG A 239 -24.76 1.41 -34.92
CA ARG A 239 -24.55 0.27 -34.00
CA ARG A 239 -24.62 0.28 -34.00
C ARG A 239 -24.43 0.72 -32.55
N PHE A 240 -24.28 2.03 -32.33
CA PHE A 240 -24.16 2.55 -30.97
C PHE A 240 -25.53 2.66 -30.32
N ALA A 241 -25.56 2.35 -29.01
CA ALA A 241 -26.76 2.40 -28.17
C ALA A 241 -26.70 3.59 -27.21
N ARG A 242 -25.73 4.49 -27.42
CA ARG A 242 -25.66 5.73 -26.64
C ARG A 242 -25.43 6.88 -27.62
N ALA A 243 -26.16 7.98 -27.39
CA ALA A 243 -26.00 9.21 -28.14
C ALA A 243 -25.68 10.34 -27.14
N PRO A 244 -24.47 10.94 -27.24
CA PRO A 244 -23.37 10.59 -28.16
C PRO A 244 -22.68 9.26 -27.78
N ALA A 245 -22.00 8.63 -28.74
CA ALA A 245 -21.09 7.52 -28.49
C ALA A 245 -19.81 8.12 -27.92
N VAL A 246 -19.08 7.36 -27.10
CA VAL A 246 -17.83 7.80 -26.51
C VAL A 246 -16.63 7.26 -27.29
N LEU A 247 -15.70 8.15 -27.65
CA LEU A 247 -14.40 7.73 -28.19
C LEU A 247 -13.37 8.16 -27.18
N SER A 248 -12.69 7.19 -26.55
CA SER A 248 -11.74 7.50 -25.50
C SER A 248 -10.30 7.00 -25.74
N GLY A 249 -9.35 7.93 -25.70
CA GLY A 249 -7.93 7.62 -25.67
C GLY A 249 -7.33 8.22 -24.41
N ALA A 250 -6.11 7.82 -24.04
CA ALA A 250 -5.43 8.39 -22.85
C ALA A 250 -5.25 9.90 -23.06
N GLY A 251 -4.66 10.29 -24.18
CA GLY A 251 -4.49 11.73 -24.50
C GLY A 251 -3.71 12.49 -23.44
N SER A 252 -2.72 11.83 -22.87
CA SER A 252 -1.89 12.49 -21.84
CA SER A 252 -1.87 12.39 -21.81
C SER A 252 -0.46 12.59 -22.36
N ALA A 253 0.32 11.50 -22.26
CA ALA A 253 1.66 11.43 -22.81
C ALA A 253 1.66 11.73 -24.31
N TRP A 254 0.56 11.40 -25.00
CA TRP A 254 0.42 11.68 -26.44
C TRP A 254 -0.71 12.66 -26.71
N TYR A 255 -0.92 13.60 -25.79
CA TYR A 255 -2.03 14.59 -25.91
C TYR A 255 -2.11 15.33 -27.24
N ASP A 256 -0.98 15.87 -27.69
CA ASP A 256 -0.98 16.68 -28.93
C ASP A 256 -1.33 15.86 -30.19
N VAL A 257 -0.78 14.65 -30.27
CA VAL A 257 -1.08 13.72 -31.39
C VAL A 257 -2.54 13.25 -31.36
N VAL A 258 -3.01 12.85 -30.18
CA VAL A 258 -4.42 12.47 -30.01
C VAL A 258 -5.34 13.63 -30.40
N ALA A 259 -5.05 14.83 -29.90
CA ALA A 259 -5.88 16.00 -30.18
C ALA A 259 -6.06 16.21 -31.70
N GLU A 260 -4.94 16.11 -32.43
CA GLU A 260 -4.95 16.21 -33.90
C GLU A 260 -5.75 15.07 -34.58
N GLU A 261 -5.39 13.82 -34.27
CA GLU A 261 -6.03 12.67 -34.91
C GLU A 261 -7.51 12.57 -34.61
N PHE A 262 -7.93 12.92 -33.39
CA PHE A 262 -9.36 12.88 -33.02
C PHE A 262 -10.12 14.17 -33.41
N VAL A 263 -9.43 15.09 -34.08
CA VAL A 263 -10.03 16.32 -34.63
C VAL A 263 -11.48 16.15 -35.10
N LYS A 264 -11.70 15.23 -36.04
CA LYS A 264 -13.01 15.09 -36.68
C LYS A 264 -14.09 14.51 -35.74
N ALA A 265 -13.70 13.64 -34.81
CA ALA A 265 -14.64 13.05 -33.86
C ALA A 265 -15.06 14.11 -32.83
N SER A 266 -14.07 14.84 -32.35
CA SER A 266 -14.33 15.96 -31.44
C SER A 266 -15.28 16.97 -32.11
N GLU A 267 -15.12 17.21 -33.43
CA GLU A 267 -15.95 18.18 -34.19
C GLU A 267 -17.40 17.74 -34.38
N THR A 268 -17.64 16.42 -34.49
CA THR A 268 -19.00 15.92 -34.70
C THR A 268 -19.78 15.94 -33.38
N GLY A 269 -21.10 15.84 -33.48
CA GLY A 269 -21.98 15.74 -32.31
C GLY A 269 -22.48 14.34 -32.05
N LYS A 270 -22.19 13.41 -32.96
CA LYS A 270 -22.59 12.00 -32.82
C LYS A 270 -21.67 11.24 -31.83
N VAL A 271 -20.49 11.80 -31.60
CA VAL A 271 -19.44 11.20 -30.80
C VAL A 271 -18.87 12.27 -29.87
N GLU A 272 -18.59 11.90 -28.62
CA GLU A 272 -17.83 12.78 -27.74
C GLU A 272 -16.49 12.12 -27.37
N VAL A 273 -15.42 12.91 -27.47
CA VAL A 273 -14.08 12.44 -27.18
C VAL A 273 -13.78 12.69 -25.71
N VAL A 274 -13.31 11.64 -25.03
CA VAL A 274 -13.03 11.71 -23.60
C VAL A 274 -11.62 11.20 -23.40
N LEU A 275 -10.77 12.06 -22.83
CA LEU A 275 -9.38 11.74 -22.53
C LEU A 275 -9.24 11.32 -21.07
N ARG A 276 -8.11 10.69 -20.76
CA ARG A 276 -7.91 10.05 -19.45
C ARG A 276 -6.56 10.46 -18.84
N PRO A 277 -6.44 11.72 -18.37
CA PRO A 277 -5.21 12.16 -17.75
C PRO A 277 -4.94 11.52 -16.39
N GLY A 278 -3.70 11.59 -15.95
CA GLY A 278 -3.33 11.05 -14.67
C GLY A 278 -3.38 12.11 -13.59
N CYS A 279 -2.25 12.30 -12.93
CA CYS A 279 -2.16 13.00 -11.67
C CYS A 279 -2.37 14.53 -11.73
N TYR A 280 -3.28 15.06 -10.92
CA TYR A 280 -3.49 16.52 -10.83
C TYR A 280 -2.67 17.16 -9.68
N LEU A 281 -1.80 16.38 -9.06
CA LEU A 281 -1.03 16.82 -7.88
C LEU A 281 0.41 17.26 -8.21
N THR A 282 0.71 17.37 -9.49
CA THR A 282 2.03 17.74 -9.98
C THR A 282 1.92 18.28 -11.41
N HIS A 283 2.97 18.98 -11.84
CA HIS A 283 3.16 19.41 -13.25
C HIS A 283 3.49 18.19 -14.15
N ASP A 284 4.02 17.12 -13.54
CA ASP A 284 4.42 15.94 -14.30
C ASP A 284 3.20 15.06 -14.65
N VAL A 285 2.33 15.61 -15.48
CA VAL A 285 1.22 14.85 -16.06
C VAL A 285 1.27 15.19 -17.56
N GLY A 286 1.03 14.17 -18.39
CA GLY A 286 1.23 14.23 -19.82
C GLY A 286 0.51 15.39 -20.46
N ILE A 287 -0.78 15.52 -20.16
CA ILE A 287 -1.63 16.55 -20.76
C ILE A 287 -1.06 17.98 -20.52
N TYR A 288 -0.37 18.19 -19.39
CA TYR A 288 0.20 19.48 -19.06
C TYR A 288 1.55 19.69 -19.77
N ARG A 289 2.41 18.67 -19.72
CA ARG A 289 3.72 18.75 -20.37
C ARG A 289 3.56 19.04 -21.84
N LYS A 290 2.59 18.37 -22.48
CA LYS A 290 2.39 18.46 -23.93
C LYS A 290 1.60 19.69 -24.35
N ALA A 291 0.90 20.33 -23.41
CA ALA A 291 0.12 21.55 -23.72
C ALA A 291 0.96 22.83 -23.87
N GLN A 292 2.21 22.83 -23.37
CA GLN A 292 3.06 24.04 -23.31
C GLN A 292 3.25 24.77 -24.65
N THR A 293 3.51 24.04 -25.74
CA THR A 293 3.58 24.70 -27.06
C THR A 293 2.33 25.53 -27.32
N ASP A 294 1.16 24.91 -27.13
CA ASP A 294 -0.13 25.57 -27.36
C ASP A 294 -0.32 26.79 -26.45
N ILE A 295 0.03 26.64 -25.17
CA ILE A 295 -0.12 27.69 -24.17
C ILE A 295 0.76 28.93 -24.52
N PHE A 296 1.90 28.72 -25.17
CA PHE A 296 2.80 29.83 -25.57
C PHE A 296 2.74 30.19 -27.07
N GLU A 307 0.59 30.89 -14.32
CA GLU A 307 1.29 29.92 -13.46
C GLU A 307 0.57 28.59 -13.39
N GLY A 308 1.32 27.53 -13.72
CA GLY A 308 0.75 26.22 -14.01
C GLY A 308 0.59 25.31 -12.83
N LEU A 309 0.55 24.02 -13.11
CA LEU A 309 0.43 22.99 -12.09
C LEU A 309 1.65 22.97 -11.17
N LEU A 310 1.38 22.84 -9.87
CA LEU A 310 2.37 22.83 -8.82
C LEU A 310 2.37 21.48 -8.10
N PRO A 311 3.51 21.08 -7.54
CA PRO A 311 3.53 19.86 -6.74
C PRO A 311 2.79 20.13 -5.44
N ALA A 312 1.79 19.30 -5.15
CA ALA A 312 0.85 19.52 -4.07
C ALA A 312 1.05 18.65 -2.83
N LEU A 313 1.93 17.64 -2.92
CA LEU A 313 2.15 16.67 -1.84
C LEU A 313 3.60 16.60 -1.40
N GLN A 314 3.84 16.57 -0.09
CA GLN A 314 5.13 16.22 0.47
C GLN A 314 4.96 15.20 1.60
N LEU A 315 6.02 14.41 1.85
CA LEU A 315 6.01 13.45 2.96
C LEU A 315 6.86 14.04 4.04
N TRP A 316 6.36 14.05 5.28
CA TRP A 316 7.10 14.60 6.40
C TRP A 316 7.56 13.51 7.30
N ALA A 317 8.81 13.62 7.73
CA ALA A 317 9.44 12.62 8.60
C ALA A 317 10.39 13.23 9.59
N TYR A 318 10.62 12.51 10.68
CA TYR A 318 11.63 12.88 11.65
C TYR A 318 13.01 12.31 11.36
N VAL A 319 14.00 13.09 11.79
CA VAL A 319 15.36 12.63 12.06
C VAL A 319 15.40 11.87 13.38
N GLN A 320 15.73 10.59 13.28
CA GLN A 320 15.72 9.66 14.43
C GLN A 320 17.08 9.48 15.09
N SER A 321 18.12 9.68 14.30
CA SER A 321 19.49 9.38 14.72
C SER A 321 20.45 10.00 13.73
N ILE A 322 21.54 10.53 14.24
CA ILE A 322 22.63 11.01 13.39
C ILE A 322 23.88 10.30 13.88
N PRO A 323 24.00 9.01 13.54
CA PRO A 323 25.03 8.17 14.18
C PRO A 323 26.46 8.46 13.72
N GLU A 324 26.59 9.08 12.56
CA GLU A 324 27.92 9.44 12.00
C GLU A 324 27.76 10.83 11.40
N PRO A 325 28.86 11.62 11.32
CA PRO A 325 28.72 13.02 10.88
C PRO A 325 28.12 13.19 9.49
N ASP A 326 28.23 12.19 8.64
CA ASP A 326 27.71 12.29 7.27
C ASP A 326 26.48 11.43 7.03
N ARG A 327 25.86 10.93 8.10
CA ARG A 327 24.78 9.95 7.94
C ARG A 327 23.71 10.16 8.99
N ALA A 328 22.53 10.55 8.53
CA ALA A 328 21.34 10.64 9.39
C ALA A 328 20.33 9.56 8.97
N ILE A 329 19.63 9.03 9.97
CA ILE A 329 18.59 8.03 9.76
C ILE A 329 17.22 8.69 9.99
N ILE A 330 16.35 8.53 9.00
CA ILE A 330 15.07 9.22 8.86
C ILE A 330 13.95 8.17 9.04
N GLY A 331 12.90 8.53 9.78
CA GLY A 331 11.71 7.70 9.98
C GLY A 331 10.73 7.75 8.83
N LEU A 332 11.18 7.25 7.68
CA LEU A 332 10.45 7.17 6.43
C LEU A 332 10.99 5.93 5.71
N GLY A 333 10.10 5.03 5.30
CA GLY A 333 10.50 3.80 4.67
C GLY A 333 9.68 3.50 3.45
N LYS A 334 9.91 2.33 2.88
CA LYS A 334 9.14 1.82 1.76
C LYS A 334 7.68 1.61 2.15
N ARG A 335 7.37 1.45 3.43
CA ARG A 335 5.96 1.43 3.87
C ARG A 335 5.24 2.76 3.67
N ASP A 336 6.00 3.85 3.50
CA ASP A 336 5.47 5.21 3.48
C ASP A 336 5.62 5.89 2.15
N SER A 337 6.54 5.40 1.34
CA SER A 337 6.96 6.06 0.13
C SER A 337 7.19 4.99 -0.92
N ALA A 338 6.33 4.96 -1.93
CA ALA A 338 6.37 3.93 -2.98
C ALA A 338 7.62 4.08 -3.88
N PHE A 339 8.20 2.95 -4.27
CA PHE A 339 9.38 2.98 -5.10
C PHE A 339 9.10 3.68 -6.42
N ASP A 340 7.94 3.40 -7.02
CA ASP A 340 7.49 4.05 -8.26
C ASP A 340 7.25 5.55 -8.15
N ALA A 341 7.14 6.08 -6.93
CA ALA A 341 6.95 7.52 -6.76
C ALA A 341 8.25 8.31 -6.96
N GLY A 342 9.40 7.62 -7.00
CA GLY A 342 10.74 8.26 -6.95
C GLY A 342 11.37 8.39 -5.56
N MSE A 343 12.70 8.40 -5.50
CA MSE A 343 13.41 8.59 -4.21
C MSE A 343 13.05 9.92 -3.54
O MSE A 343 13.06 10.97 -4.18
CB MSE A 343 14.92 8.48 -4.38
CG MSE A 343 15.39 7.03 -4.47
SE MSE A 343 15.34 6.06 -2.75
CE MSE A 343 17.14 5.90 -2.32
N PRO A 344 12.69 9.89 -2.24
CA PRO A 344 12.30 11.16 -1.64
C PRO A 344 13.48 12.14 -1.63
N GLU A 345 13.19 13.40 -1.92
CA GLU A 345 14.18 14.46 -2.02
C GLU A 345 13.93 15.50 -0.93
N PRO A 346 14.92 15.77 -0.05
CA PRO A 346 14.68 16.77 1.01
C PRO A 346 14.40 18.17 0.45
N ALA A 347 13.30 18.78 0.90
CA ALA A 347 12.78 20.03 0.38
C ALA A 347 12.58 21.12 1.46
N ARG A 348 12.19 20.71 2.69
CA ARG A 348 12.04 21.65 3.79
CA ARG A 348 12.04 21.64 3.80
C ARG A 348 12.61 21.02 5.06
N HIS A 349 13.04 21.87 5.98
CA HIS A 349 13.59 21.44 7.26
C HIS A 349 12.94 22.27 8.34
N TYR A 350 12.52 21.62 9.42
CA TYR A 350 11.87 22.35 10.52
C TYR A 350 12.38 21.81 11.83
N ARG A 351 12.82 22.72 12.69
CA ARG A 351 13.22 22.39 14.05
C ARG A 351 12.12 22.82 15.01
N PRO A 352 11.60 21.88 15.78
CA PRO A 352 10.56 22.26 16.72
C PRO A 352 10.91 23.47 17.59
N GLY A 353 9.91 24.33 17.82
CA GLY A 353 10.10 25.59 18.54
C GLY A 353 10.25 26.77 17.61
N ASN A 354 10.72 26.52 16.38
CA ASN A 354 10.94 27.57 15.42
C ASN A 354 9.62 28.11 14.82
N GLU A 355 9.70 29.27 14.21
CA GLU A 355 8.51 29.94 13.66
C GLU A 355 7.98 29.25 12.41
N ALA A 356 8.90 28.76 11.58
CA ALA A 356 8.58 28.24 10.29
C ALA A 356 9.67 27.30 9.82
N PRO A 357 9.35 26.42 8.86
CA PRO A 357 10.42 25.65 8.21
C PRO A 357 11.30 26.53 7.34
N ARG A 358 12.48 26.01 7.00
CA ARG A 358 13.29 26.61 5.96
C ARG A 358 13.30 25.75 4.70
N ASP A 359 13.51 26.40 3.56
CA ASP A 359 13.70 25.68 2.30
C ASP A 359 15.06 24.99 2.26
N ILE A 360 15.10 23.76 1.75
CA ILE A 360 16.38 23.09 1.56
C ILE A 360 16.67 23.11 0.09
N ALA A 361 17.79 23.73 -0.24
CA ALA A 361 18.32 23.76 -1.60
C ALA A 361 19.28 22.60 -1.80
N ALA A 362 19.50 22.27 -3.07
CA ALA A 362 20.43 21.22 -3.43
C ALA A 362 21.82 21.47 -2.79
N SER A 363 22.23 22.73 -2.75
CA SER A 363 23.52 23.10 -2.17
C SER A 363 23.69 22.84 -0.66
N GLU A 364 22.63 22.42 0.02
CA GLU A 364 22.80 21.98 1.38
C GLU A 364 23.61 20.65 1.43
N GLY A 365 23.60 19.90 0.33
CA GLY A 365 24.28 18.59 0.27
C GLY A 365 23.59 17.41 0.97
N TRP A 366 22.27 17.52 1.19
CA TRP A 366 21.44 16.46 1.78
C TRP A 366 20.87 15.59 0.66
N GLU A 367 21.02 14.27 0.79
CA GLU A 367 20.45 13.34 -0.20
C GLU A 367 20.15 12.02 0.41
N ILE A 368 18.98 11.47 0.09
CA ILE A 368 18.58 10.16 0.55
C ILE A 368 19.31 9.12 -0.31
N PHE A 369 19.99 8.17 0.32
CA PHE A 369 20.77 7.17 -0.43
C PHE A 369 20.33 5.73 -0.17
N GLY A 370 19.25 5.57 0.56
CA GLY A 370 18.77 4.24 0.89
C GLY A 370 17.41 4.36 1.51
N LEU A 371 16.48 3.50 1.07
CA LEU A 371 15.14 3.46 1.68
C LEU A 371 14.90 2.02 2.05
N MSE A 372 14.78 1.75 3.35
CA MSE A 372 14.53 0.41 3.87
C MSE A 372 13.03 0.35 4.22
O MSE A 372 12.29 1.26 3.89
CB MSE A 372 15.37 0.14 5.13
CG MSE A 372 16.84 0.53 5.04
SE MSE A 372 17.65 -0.04 3.37
CE MSE A 372 17.03 -1.99 3.43
N ASP A 373 12.58 -0.72 4.87
CA ASP A 373 11.13 -0.88 5.16
C ASP A 373 10.52 0.31 5.92
N GLN A 374 11.18 0.72 7.00
CA GLN A 374 10.66 1.75 7.90
C GLN A 374 11.64 2.92 8.14
N HIS A 375 12.79 2.88 7.49
CA HIS A 375 13.87 3.85 7.69
C HIS A 375 14.42 4.26 6.35
N ALA A 376 15.02 5.45 6.32
CA ALA A 376 15.73 5.96 5.15
C ALA A 376 17.10 6.49 5.59
N TYR A 377 18.09 6.35 4.69
CA TYR A 377 19.45 6.86 4.89
C TYR A 377 19.62 8.22 4.22
N LEU A 378 20.02 9.23 5.00
CA LEU A 378 20.25 10.56 4.52
C LEU A 378 21.72 10.89 4.61
N ARG A 379 22.34 11.10 3.46
CA ARG A 379 23.67 11.70 3.42
C ARG A 379 23.60 13.21 3.68
N ILE A 380 24.48 13.69 4.57
CA ILE A 380 24.60 15.09 4.93
C ILE A 380 26.10 15.41 4.97
N PRO A 381 26.47 16.67 4.77
CA PRO A 381 27.84 17.08 5.02
C PRO A 381 28.12 17.09 6.51
N ALA A 382 29.32 16.69 6.92
CA ALA A 382 29.74 16.85 8.31
C ALA A 382 29.46 18.29 8.76
N GLY A 383 28.85 18.42 9.94
CA GLY A 383 28.48 19.72 10.49
C GLY A 383 27.19 20.30 9.99
N ALA A 384 26.36 19.48 9.34
CA ALA A 384 25.05 19.87 8.89
C ALA A 384 24.17 20.51 10.02
N ASP A 385 23.35 21.47 9.66
CA ASP A 385 22.36 22.02 10.58
C ASP A 385 21.14 21.07 10.69
N LEU A 386 21.31 20.05 11.53
CA LEU A 386 20.35 18.94 11.63
C LEU A 386 20.51 18.28 12.98
N LYS A 387 19.42 17.87 13.60
CA LYS A 387 19.46 17.31 14.92
C LYS A 387 18.38 16.27 14.97
N VAL A 388 18.60 15.28 15.83
CA VAL A 388 17.55 14.35 16.24
C VAL A 388 16.30 15.14 16.65
N GLY A 389 15.17 14.70 16.09
CA GLY A 389 13.88 15.31 16.38
C GLY A 389 13.44 16.41 15.43
N ASP A 390 14.33 16.86 14.55
CA ASP A 390 13.94 17.78 13.47
C ASP A 390 13.02 17.04 12.52
N MSE A 391 12.28 17.81 11.75
CA MSE A 391 11.44 17.26 10.66
C MSE A 391 12.03 17.71 9.34
O MSE A 391 12.58 18.84 9.22
CB MSE A 391 10.06 17.87 10.65
CG MSE A 391 9.25 17.70 11.85
SE MSE A 391 7.56 18.67 11.64
CE MSE A 391 7.62 18.56 13.33
N ILE A 392 11.90 16.83 8.37
CA ILE A 392 12.21 17.11 6.97
C ILE A 392 10.96 16.79 6.15
N ALA A 393 10.62 17.69 5.23
CA ALA A 393 9.57 17.49 4.24
C ALA A 393 10.24 17.06 2.97
N PHE A 394 9.74 16.00 2.34
CA PHE A 394 10.36 15.45 1.14
C PHE A 394 9.43 15.61 -0.05
N ASP A 395 10.00 16.02 -1.19
CA ASP A 395 9.29 15.96 -2.48
C ASP A 395 9.42 14.57 -3.07
N ILE A 396 8.43 14.13 -3.86
CA ILE A 396 8.59 12.90 -4.67
C ILE A 396 8.14 13.16 -6.09
N SER A 397 8.79 12.49 -7.03
CA SER A 397 8.54 12.82 -8.44
C SER A 397 7.11 12.52 -8.92
N HIS A 398 6.55 11.40 -8.47
CA HIS A 398 5.20 10.97 -8.88
C HIS A 398 4.33 10.81 -7.64
N PRO A 399 3.85 11.92 -7.10
CA PRO A 399 3.13 11.96 -5.82
C PRO A 399 1.88 11.06 -5.79
N CYS A 400 1.11 11.02 -6.88
CA CYS A 400 -0.09 10.17 -6.90
C CYS A 400 0.27 8.70 -6.60
N LEU A 401 1.44 8.26 -7.08
CA LEU A 401 1.86 6.86 -6.97
C LEU A 401 2.29 6.43 -5.59
N THR A 402 2.26 7.34 -4.59
CA THR A 402 2.56 6.94 -3.23
C THR A 402 1.33 6.85 -2.32
N PHE A 403 0.17 7.20 -2.87
CA PHE A 403 -1.10 7.23 -2.11
C PHE A 403 -1.47 5.86 -1.53
N ASP A 404 -1.11 4.76 -2.18
CA ASP A 404 -1.55 3.47 -1.66
C ASP A 404 -0.75 3.04 -0.44
N LYS A 405 0.23 3.88 -0.04
CA LYS A 405 0.93 3.68 1.23
C LYS A 405 0.23 4.35 2.41
N TRP A 406 -0.82 5.13 2.13
CA TRP A 406 -1.55 5.94 3.10
C TRP A 406 -3.08 5.69 3.08
N ARG A 407 -3.62 5.31 4.21
CA ARG A 407 -5.07 5.20 4.38
C ARG A 407 -5.67 6.58 4.66
N GLN A 408 -4.85 7.45 5.23
CA GLN A 408 -5.25 8.82 5.54
C GLN A 408 -4.16 9.80 5.15
N VAL A 409 -4.56 10.80 4.40
CA VAL A 409 -3.66 11.87 3.88
C VAL A 409 -4.16 13.21 4.44
N LEU A 410 -3.24 14.01 4.98
CA LEU A 410 -3.60 15.27 5.59
C LEU A 410 -3.69 16.36 4.54
N VAL A 411 -4.57 17.33 4.79
CA VAL A 411 -4.61 18.55 4.02
C VAL A 411 -4.31 19.71 4.97
N VAL A 412 -3.34 20.55 4.61
CA VAL A 412 -2.97 21.69 5.44
C VAL A 412 -3.14 23.04 4.71
N ASP A 413 -3.41 24.07 5.48
CA ASP A 413 -3.42 25.45 5.03
C ASP A 413 -1.98 25.98 5.09
N PRO A 414 -1.76 27.22 4.61
CA PRO A 414 -0.40 27.75 4.64
C PRO A 414 0.27 27.89 6.02
N ALA A 415 -0.48 27.82 7.11
CA ALA A 415 0.11 27.90 8.43
C ALA A 415 0.40 26.46 8.98
N TYR A 416 0.30 25.44 8.11
CA TYR A 416 0.49 24.03 8.47
C TYR A 416 -0.59 23.48 9.43
N ARG A 417 -1.75 24.13 9.47
CA ARG A 417 -2.90 23.63 10.22
C ARG A 417 -3.64 22.62 9.35
N VAL A 418 -3.97 21.48 9.94
CA VAL A 418 -4.72 20.45 9.22
C VAL A 418 -6.18 20.90 9.06
N THR A 419 -6.64 20.97 7.82
CA THR A 419 -7.99 21.43 7.54
C THR A 419 -8.95 20.30 7.15
N GLU A 420 -8.43 19.12 6.79
CA GLU A 420 -9.25 18.00 6.36
C GLU A 420 -8.34 16.78 6.33
N VAL A 421 -8.92 15.61 6.52
CA VAL A 421 -8.25 14.33 6.27
C VAL A 421 -8.91 13.68 5.04
N ILE A 422 -8.10 13.14 4.15
CA ILE A 422 -8.54 12.51 2.92
CA ILE A 422 -8.58 12.50 2.94
C ILE A 422 -8.36 11.01 3.08
N GLU A 423 -9.45 10.24 2.96
CA GLU A 423 -9.34 8.80 3.03
C GLU A 423 -9.12 8.21 1.65
N THR A 424 -8.46 7.05 1.62
CA THR A 424 -8.19 6.29 0.42
C THR A 424 -8.84 4.93 0.49
N PHE A 425 -9.15 4.37 -0.68
CA PHE A 425 -9.79 3.05 -0.83
C PHE A 425 -8.92 2.13 -1.68
N PHE A 426 -7.91 1.60 -1.02
CA PHE A 426 -6.98 0.64 -1.64
C PHE A 426 -7.24 -0.73 -1.07
N GLY B 9 -15.33 -2.34 15.35
CA GLY B 9 -14.43 -3.09 16.34
C GLY B 9 -14.12 -4.56 15.99
N ALA B 10 -12.95 -4.81 15.38
CA ALA B 10 -12.63 -6.10 14.74
C ALA B 10 -13.82 -6.60 13.89
N THR B 11 -14.21 -5.74 12.96
CA THR B 11 -15.27 -5.98 12.02
C THR B 11 -14.75 -5.85 10.58
N ILE B 12 -15.38 -6.59 9.70
CA ILE B 12 -15.05 -6.61 8.29
C ILE B 12 -15.32 -5.22 7.71
N ASP B 13 -14.41 -4.76 6.86
CA ASP B 13 -14.55 -3.50 6.17
C ASP B 13 -15.35 -3.76 4.90
N PRO B 14 -16.59 -3.21 4.83
CA PRO B 14 -17.46 -3.49 3.68
C PRO B 14 -16.99 -2.88 2.37
N TYR B 15 -16.03 -1.96 2.41
CA TYR B 15 -15.49 -1.39 1.19
C TYR B 15 -14.15 -1.91 0.71
N SER B 16 -13.58 -2.88 1.40
CA SER B 16 -12.27 -3.40 1.01
C SER B 16 -12.35 -4.28 -0.22
N LYS B 17 -11.19 -4.44 -0.86
CA LYS B 17 -11.02 -5.38 -1.90
C LYS B 17 -10.83 -6.78 -1.35
N GLY B 18 -10.94 -7.75 -2.26
CA GLY B 18 -10.69 -9.15 -1.94
C GLY B 18 -11.72 -9.77 -1.02
N LEU B 19 -12.95 -9.25 -1.08
CA LEU B 19 -14.04 -9.75 -0.25
C LEU B 19 -15.29 -10.18 -1.04
N GLY B 20 -16.17 -10.94 -0.39
CA GLY B 20 -17.49 -11.15 -0.92
C GLY B 20 -18.41 -10.04 -0.44
N MSE B 21 -19.70 -10.23 -0.63
CA MSE B 21 -20.69 -9.24 -0.21
CA MSE B 21 -20.67 -9.23 -0.23
C MSE B 21 -20.69 -9.12 1.30
O MSE B 21 -20.74 -10.13 1.99
CB MSE B 21 -22.10 -9.62 -0.68
CB MSE B 21 -22.04 -9.60 -0.82
CG MSE B 21 -23.15 -8.57 -0.30
CG MSE B 21 -23.06 -8.48 -0.77
SE MSE B 21 -24.94 -9.23 -0.57
SE MSE B 21 -24.00 -8.55 0.89
CE MSE B 21 -24.89 -10.76 0.63
CE MSE B 21 -25.15 -10.11 0.53
N VAL B 22 -20.62 -7.90 1.81
CA VAL B 22 -20.53 -7.62 3.25
C VAL B 22 -21.78 -6.85 3.62
N PRO B 23 -22.81 -7.55 4.18
CA PRO B 23 -24.16 -6.99 4.34
C PRO B 23 -24.35 -6.03 5.55
N GLY B 24 -23.32 -5.84 6.34
CA GLY B 24 -23.35 -4.92 7.44
C GLY B 24 -21.97 -4.33 7.71
N THR B 25 -21.95 -3.26 8.48
CA THR B 25 -20.70 -2.65 8.92
C THR B 25 -20.16 -3.14 10.27
N SER B 26 -20.87 -4.03 10.97
CA SER B 26 -20.35 -4.56 12.24
C SER B 26 -20.34 -6.06 12.27
N ILE B 27 -19.89 -6.67 11.17
CA ILE B 27 -19.79 -8.12 11.14
C ILE B 27 -18.42 -8.45 11.63
N GLN B 28 -18.35 -9.13 12.78
CA GLN B 28 -17.07 -9.52 13.34
CA GLN B 28 -17.07 -9.53 13.36
C GLN B 28 -16.26 -10.34 12.33
N LEU B 29 -14.98 -10.03 12.26
CA LEU B 29 -14.05 -10.74 11.40
C LEU B 29 -14.09 -12.24 11.62
N THR B 30 -14.25 -12.63 12.90
CA THR B 30 -14.29 -14.00 13.28
C THR B 30 -15.65 -14.66 13.01
N ASP B 31 -16.63 -13.87 12.60
CA ASP B 31 -17.95 -14.37 12.21
C ASP B 31 -18.09 -14.44 10.70
N ALA B 32 -17.00 -14.38 9.94
CA ALA B 32 -17.12 -14.33 8.48
C ALA B 32 -17.81 -15.57 7.87
N ALA B 33 -17.73 -16.72 8.56
CA ALA B 33 -18.27 -17.95 8.04
C ALA B 33 -19.78 -17.83 7.76
N ARG B 34 -20.50 -17.04 8.55
CA ARG B 34 -21.94 -16.95 8.36
C ARG B 34 -22.35 -16.26 7.05
N LEU B 35 -21.38 -15.59 6.40
CA LEU B 35 -21.61 -15.01 5.09
C LEU B 35 -21.54 -16.06 3.96
N GLU B 36 -21.03 -17.26 4.26
CA GLU B 36 -21.03 -18.39 3.33
C GLU B 36 -20.32 -18.04 2.02
N TRP B 37 -19.19 -17.35 2.13
CA TRP B 37 -18.37 -17.12 0.95
C TRP B 37 -17.58 -18.37 0.63
N ASN B 38 -17.62 -18.76 -0.64
CA ASN B 38 -16.75 -19.80 -1.16
C ASN B 38 -16.05 -19.27 -2.41
N LEU B 39 -14.74 -19.39 -2.36
CA LEU B 39 -13.85 -18.83 -3.36
C LEU B 39 -14.15 -19.42 -4.72
N LEU B 40 -14.34 -20.74 -4.77
CA LEU B 40 -14.60 -21.43 -6.04
C LEU B 40 -15.97 -21.11 -6.64
N ASN B 41 -16.93 -20.70 -5.78
CA ASN B 41 -18.29 -20.32 -6.25
CA ASN B 41 -18.28 -20.30 -6.20
C ASN B 41 -18.33 -18.86 -6.75
N GLU B 42 -17.18 -18.19 -6.74
CA GLU B 42 -17.09 -16.79 -7.18
C GLU B 42 -17.87 -15.83 -6.31
N ASP B 43 -17.96 -16.15 -5.02
CA ASP B 43 -18.56 -15.28 -4.01
C ASP B 43 -17.65 -14.07 -3.72
N VAL B 44 -16.37 -14.20 -4.02
CA VAL B 44 -15.35 -13.23 -3.61
C VAL B 44 -14.78 -12.52 -4.83
N SER B 45 -14.67 -11.21 -4.68
CA SER B 45 -14.02 -10.36 -5.67
C SER B 45 -12.58 -10.77 -5.74
N LEU B 46 -12.11 -10.97 -6.97
CA LEU B 46 -10.71 -11.15 -7.25
C LEU B 46 -10.17 -9.86 -7.89
N PRO B 47 -8.91 -9.55 -7.63
CA PRO B 47 -7.97 -10.34 -6.82
C PRO B 47 -8.27 -10.39 -5.32
N ALA B 48 -7.84 -11.47 -4.68
CA ALA B 48 -8.00 -11.68 -3.25
C ALA B 48 -6.72 -12.33 -2.70
N ALA B 49 -6.48 -12.07 -1.43
CA ALA B 49 -5.40 -12.68 -0.67
C ALA B 49 -5.97 -13.80 0.21
N VAL B 50 -5.41 -15.00 0.07
CA VAL B 50 -5.99 -16.19 0.67
C VAL B 50 -4.94 -16.97 1.48
N LEU B 51 -5.17 -17.00 2.80
CA LEU B 51 -4.45 -17.85 3.73
C LEU B 51 -5.17 -19.16 3.88
N TYR B 52 -4.43 -20.27 3.84
CA TYR B 52 -5.03 -21.58 4.08
C TYR B 52 -4.96 -21.85 5.58
N ALA B 53 -6.11 -21.99 6.23
CA ALA B 53 -6.18 -22.20 7.67
C ALA B 53 -5.27 -23.39 8.10
N ASP B 54 -5.35 -24.50 7.38
CA ASP B 54 -4.58 -25.72 7.76
C ASP B 54 -3.08 -25.49 7.72
N ARG B 55 -2.61 -24.73 6.73
CA ARG B 55 -1.21 -24.39 6.65
C ARG B 55 -0.75 -23.36 7.67
N VAL B 56 -1.56 -22.34 7.96
CA VAL B 56 -1.21 -21.37 9.00
C VAL B 56 -1.02 -22.08 10.35
N GLU B 57 -1.93 -22.99 10.66
CA GLU B 57 -1.95 -23.71 11.91
C GLU B 57 -0.78 -24.71 11.97
N HIS B 58 -0.49 -25.34 10.85
CA HIS B 58 0.73 -26.13 10.71
C HIS B 58 1.98 -25.33 11.09
N ASN B 59 2.14 -24.14 10.52
CA ASN B 59 3.34 -23.31 10.71
C ASN B 59 3.46 -22.79 12.13
N LEU B 60 2.33 -22.41 12.73
CA LEU B 60 2.25 -22.05 14.15
C LEU B 60 2.66 -23.21 15.06
N LYS B 61 2.06 -24.39 14.85
CA LYS B 61 2.40 -25.56 15.68
C LYS B 61 3.84 -26.05 15.48
N TRP B 62 4.35 -25.94 14.26
CA TRP B 62 5.75 -26.22 13.96
C TRP B 62 6.71 -25.33 14.78
N MSE B 63 6.48 -24.02 14.74
CA MSE B 63 7.25 -23.05 15.53
C MSE B 63 7.12 -23.29 17.05
O MSE B 63 8.10 -23.20 17.80
CB MSE B 63 6.81 -21.62 15.22
CG MSE B 63 7.29 -21.12 13.84
SE MSE B 63 9.29 -21.03 13.64
CE MSE B 63 9.78 -20.25 15.61
N GLN B 64 5.91 -23.55 17.51
CA GLN B 64 5.68 -23.93 18.88
C GLN B 64 6.53 -25.18 19.29
N ALA B 65 6.60 -26.21 18.43
CA ALA B 65 7.37 -27.44 18.72
C ALA B 65 8.86 -27.20 18.84
N PHE B 66 9.34 -26.13 18.21
CA PHE B 66 10.75 -25.78 18.25
C PHE B 66 11.28 -25.60 19.70
N VAL B 67 12.14 -26.56 20.11
CA VAL B 67 12.97 -26.47 21.34
C VAL B 67 14.38 -25.94 21.01
N ALA B 68 14.67 -24.73 21.46
CA ALA B 68 15.94 -24.11 21.12
C ALA B 68 17.06 -24.83 21.85
N GLU B 69 18.23 -24.90 21.21
CA GLU B 69 19.41 -25.50 21.83
C GLU B 69 20.03 -24.53 22.79
N TYR B 70 19.58 -23.28 22.71
CA TYR B 70 20.10 -22.20 23.57
C TYR B 70 18.97 -21.52 24.32
N GLY B 71 19.29 -20.94 25.47
CA GLY B 71 18.35 -20.10 26.23
C GLY B 71 18.06 -18.79 25.51
N VAL B 72 17.06 -18.82 24.62
CA VAL B 72 16.63 -17.65 23.81
C VAL B 72 15.11 -17.67 23.67
N LYS B 73 14.51 -16.49 23.57
CA LYS B 73 13.08 -16.33 23.40
C LYS B 73 12.87 -15.47 22.15
N LEU B 74 11.70 -15.56 21.54
CA LEU B 74 11.44 -14.94 20.26
C LEU B 74 10.42 -13.81 20.36
N ALA B 75 10.77 -12.66 19.75
CA ALA B 75 9.87 -11.54 19.58
C ALA B 75 9.80 -11.29 18.05
N PRO B 76 8.98 -12.10 17.34
CA PRO B 76 8.92 -12.01 15.91
C PRO B 76 8.51 -10.62 15.46
N HIS B 77 9.10 -10.18 14.34
CA HIS B 77 8.73 -8.87 13.81
CA HIS B 77 8.76 -8.92 13.70
C HIS B 77 7.31 -8.91 13.23
N GLY B 78 6.49 -8.02 13.76
CA GLY B 78 5.12 -7.90 13.32
C GLY B 78 4.91 -7.00 12.11
N LYS B 79 5.94 -6.29 11.67
CA LYS B 79 5.72 -5.28 10.64
C LYS B 79 5.33 -5.87 9.30
N THR B 80 5.52 -7.15 9.10
CA THR B 80 5.26 -7.72 7.79
C THR B 80 3.78 -8.09 7.58
N THR B 81 3.05 -8.40 8.66
CA THR B 81 1.61 -8.64 8.54
C THR B 81 0.73 -7.54 9.14
N MSE B 82 1.19 -6.93 10.23
CA MSE B 82 0.44 -5.95 10.99
C MSE B 82 -1.01 -6.44 11.23
O MSE B 82 -1.98 -5.68 11.08
CB MSE B 82 0.47 -4.60 10.29
CG MSE B 82 1.78 -3.83 10.47
SE MSE B 82 2.42 -3.81 12.37
CE MSE B 82 0.96 -3.03 13.24
N ALA B 83 -1.11 -7.72 11.61
CA ALA B 83 -2.37 -8.41 11.84
C ALA B 83 -2.38 -8.95 13.28
N PRO B 84 -2.94 -8.19 14.23
CA PRO B 84 -2.99 -8.68 15.60
C PRO B 84 -3.70 -10.02 15.79
N GLN B 85 -4.60 -10.41 14.89
CA GLN B 85 -5.15 -11.74 14.93
C GLN B 85 -4.05 -12.78 14.83
N LEU B 86 -3.05 -12.55 13.97
CA LEU B 86 -1.91 -13.44 13.88
C LEU B 86 -0.94 -13.24 15.05
N PHE B 87 -0.70 -12.01 15.47
CA PHE B 87 0.16 -11.75 16.65
C PHE B 87 -0.34 -12.55 17.85
N ARG B 88 -1.66 -12.57 18.09
CA ARG B 88 -2.20 -13.31 19.24
C ARG B 88 -1.91 -14.80 19.17
N ARG B 89 -2.05 -15.38 17.97
CA ARG B 89 -1.69 -16.77 17.75
C ARG B 89 -0.21 -17.05 17.98
N GLN B 90 0.65 -16.15 17.53
CA GLN B 90 2.08 -16.25 17.80
C GLN B 90 2.38 -16.24 19.30
N LEU B 91 1.73 -15.34 20.02
CA LEU B 91 1.95 -15.24 21.46
C LEU B 91 1.41 -16.49 22.19
N GLU B 92 0.26 -17.03 21.75
CA GLU B 92 -0.28 -18.23 22.44
C GLU B 92 0.49 -19.47 22.07
N THR B 93 1.31 -19.41 21.02
CA THR B 93 2.12 -20.53 20.69
C THR B 93 3.58 -20.27 21.11
N GLY B 94 3.79 -19.37 22.06
CA GLY B 94 5.07 -19.31 22.75
C GLY B 94 5.98 -18.10 22.54
N ALA B 95 5.61 -17.19 21.62
CA ALA B 95 6.41 -15.96 21.44
C ALA B 95 6.43 -15.16 22.75
N TRP B 96 7.56 -14.50 23.01
CA TRP B 96 7.79 -13.67 24.19
C TRP B 96 7.13 -12.27 24.06
N GLY B 97 7.08 -11.76 22.86
CA GLY B 97 6.44 -10.49 22.58
C GLY B 97 6.47 -10.31 21.09
N ILE B 98 6.03 -9.13 20.63
CA ILE B 98 6.09 -8.74 19.22
C ILE B 98 7.06 -7.58 19.05
N THR B 99 7.91 -7.67 18.04
CA THR B 99 8.81 -6.59 17.68
C THR B 99 8.10 -5.74 16.60
N LEU B 100 8.04 -4.45 16.83
CA LEU B 100 7.43 -3.46 15.96
C LEU B 100 8.37 -2.27 15.76
N ALA B 101 8.05 -1.42 14.79
CA ALA B 101 8.95 -0.39 14.35
C ALA B 101 8.46 1.03 14.67
N THR B 102 7.16 1.27 14.77
CA THR B 102 6.62 2.63 14.92
C THR B 102 5.60 2.70 16.05
N ALA B 103 5.38 3.93 16.58
CA ALA B 103 4.39 4.15 17.63
C ALA B 103 2.99 3.72 17.17
N HIS B 104 2.65 4.06 15.92
CA HIS B 104 1.41 3.64 15.27
C HIS B 104 1.19 2.11 15.33
N GLN B 105 2.23 1.35 15.00
CA GLN B 105 2.20 -0.09 15.07
C GLN B 105 1.99 -0.63 16.49
N VAL B 106 2.68 -0.03 17.46
CA VAL B 106 2.59 -0.39 18.87
C VAL B 106 1.13 -0.23 19.39
N ARG B 107 0.49 0.91 19.07
CA ARG B 107 -0.90 1.17 19.43
CA ARG B 107 -0.90 1.16 19.43
C ARG B 107 -1.84 0.10 18.84
N ALA B 108 -1.65 -0.21 17.57
CA ALA B 108 -2.43 -1.26 16.89
C ALA B 108 -2.28 -2.59 17.62
N ALA B 109 -1.06 -2.99 17.89
CA ALA B 109 -0.79 -4.27 18.56
C ALA B 109 -1.38 -4.29 19.96
N TYR B 110 -1.24 -3.16 20.67
CA TYR B 110 -1.72 -3.05 22.03
C TYR B 110 -3.22 -3.23 22.05
N HIS B 111 -3.94 -2.51 21.18
CA HIS B 111 -5.40 -2.69 21.17
C HIS B 111 -5.84 -4.04 20.61
N GLY B 112 -4.95 -4.75 19.92
CA GLY B 112 -5.21 -6.13 19.54
C GLY B 112 -4.75 -7.16 20.55
N GLY B 113 -4.53 -6.76 21.80
CA GLY B 113 -4.21 -7.68 22.87
C GLY B 113 -2.76 -8.14 23.02
N VAL B 114 -1.80 -7.47 22.38
CA VAL B 114 -0.41 -7.84 22.57
C VAL B 114 0.02 -7.14 23.85
N SER B 115 0.51 -7.92 24.83
CA SER B 115 0.85 -7.32 26.11
C SER B 115 2.37 -7.04 26.32
N ARG B 116 3.19 -7.39 25.34
CA ARG B 116 4.61 -7.04 25.35
C ARG B 116 5.11 -6.71 23.95
N VAL B 117 5.58 -5.48 23.80
CA VAL B 117 6.08 -5.00 22.50
C VAL B 117 7.50 -4.47 22.68
N LEU B 118 8.39 -4.99 21.85
CA LEU B 118 9.74 -4.47 21.70
C LEU B 118 9.73 -3.60 20.45
N MSE B 119 9.74 -2.29 20.66
CA MSE B 119 9.85 -1.37 19.51
C MSE B 119 11.32 -1.23 19.15
O MSE B 119 12.08 -0.55 19.83
CB MSE B 119 9.22 0.01 19.84
CG MSE B 119 9.32 0.98 18.68
SE MSE B 119 8.31 2.58 18.90
CE MSE B 119 9.29 3.76 17.76
N ALA B 120 11.72 -1.91 18.08
CA ALA B 120 13.11 -2.01 17.70
C ALA B 120 13.43 -0.80 16.86
N ASN B 121 13.28 0.39 17.46
CA ASN B 121 13.44 1.64 16.78
C ASN B 121 13.53 2.76 17.78
N GLN B 122 14.05 3.90 17.34
CA GLN B 122 14.05 5.12 18.16
C GLN B 122 12.62 5.66 18.18
N LEU B 123 12.19 6.15 19.34
CA LEU B 123 10.92 6.82 19.49
C LEU B 123 11.17 8.31 19.50
N VAL B 124 10.67 8.98 18.47
CA VAL B 124 10.93 10.41 18.29
CA VAL B 124 10.96 10.40 18.22
C VAL B 124 9.69 11.16 17.86
N GLY B 125 9.54 12.36 18.39
CA GLY B 125 8.47 13.24 17.97
C GLY B 125 7.37 13.23 18.98
N ARG B 126 6.78 14.39 19.22
CA ARG B 126 5.88 14.53 20.35
CA ARG B 126 5.86 14.56 20.34
C ARG B 126 4.65 13.62 20.23
N ARG B 127 4.02 13.56 19.04
CA ARG B 127 2.82 12.71 18.92
C ARG B 127 3.18 11.21 19.00
N ASN B 128 4.28 10.78 18.40
CA ASN B 128 4.74 9.38 18.51
C ASN B 128 4.97 9.00 19.95
N MSE B 129 5.62 9.90 20.69
CA MSE B 129 5.83 9.68 22.13
C MSE B 129 4.53 9.65 22.91
O MSE B 129 4.35 8.79 23.78
CB MSE B 129 6.78 10.74 22.70
CG MSE B 129 8.20 10.70 22.17
SE MSE B 129 9.39 11.90 23.10
CE MSE B 129 8.71 13.54 22.50
N MSE B 130 3.61 10.56 22.60
CA MSE B 130 2.32 10.58 23.33
C MSE B 130 1.52 9.31 23.03
O MSE B 130 0.85 8.76 23.92
CB MSE B 130 1.49 11.81 22.95
CG MSE B 130 0.13 11.89 23.60
SE MSE B 130 0.38 12.25 25.48
CE MSE B 130 0.67 14.08 25.37
N MSE B 131 1.58 8.82 21.78
CA MSE B 131 0.85 7.62 21.41
CA MSE B 131 0.87 7.60 21.39
C MSE B 131 1.35 6.39 22.20
O MSE B 131 0.56 5.49 22.54
CB MSE B 131 0.98 7.40 19.90
CB MSE B 131 1.10 7.31 19.93
CG MSE B 131 0.13 6.28 19.35
CG MSE B 131 0.50 8.32 19.01
SE MSE B 131 -0.27 6.51 17.47
SE MSE B 131 0.87 7.89 17.20
CE MSE B 131 1.45 7.04 16.76
CE MSE B 131 -0.62 6.74 17.04
N VAL B 132 2.63 6.39 22.54
CA VAL B 132 3.19 5.38 23.50
C VAL B 132 2.82 5.65 24.97
N ALA B 133 2.95 6.90 25.41
CA ALA B 133 2.56 7.32 26.76
C ALA B 133 1.12 6.93 27.09
N GLU B 134 0.25 7.01 26.09
CA GLU B 134 -1.15 6.60 26.23
C GLU B 134 -1.32 5.13 26.62
N LEU B 135 -0.34 4.28 26.30
CA LEU B 135 -0.42 2.87 26.61
C LEU B 135 0.22 2.57 27.96
N LEU B 136 0.96 3.51 28.51
CA LEU B 136 1.81 3.23 29.68
C LEU B 136 1.10 3.43 31.01
N SER B 137 -0.16 3.77 30.98
CA SER B 137 -0.91 3.74 32.24
C SER B 137 -1.58 2.37 32.46
N ASP B 138 -1.28 1.42 31.56
CA ASP B 138 -1.70 0.03 31.74
C ASP B 138 -0.57 -0.74 32.44
N PRO B 139 -0.76 -1.07 33.73
CA PRO B 139 0.31 -1.78 34.45
C PRO B 139 0.63 -3.18 33.90
N GLU B 140 -0.28 -3.75 33.13
CA GLU B 140 -0.08 -5.09 32.53
C GLU B 140 0.65 -5.05 31.18
N PHE B 141 0.95 -3.86 30.67
CA PHE B 141 1.58 -3.74 29.37
C PHE B 141 3.06 -3.51 29.54
N GLU B 142 3.87 -4.25 28.79
CA GLU B 142 5.32 -4.03 28.80
C GLU B 142 5.80 -3.51 27.44
N PHE B 143 6.60 -2.44 27.51
CA PHE B 143 7.09 -1.74 26.32
C PHE B 143 8.60 -1.47 26.46
N PHE B 144 9.30 -1.53 25.34
CA PHE B 144 10.71 -1.15 25.24
C PHE B 144 10.85 -0.36 23.93
N CYS B 145 11.73 0.64 23.91
CA CYS B 145 12.20 1.23 22.66
C CYS B 145 13.75 1.39 22.72
N LEU B 146 14.37 1.76 21.61
CA LEU B 146 15.84 1.87 21.50
C LEU B 146 16.30 3.28 21.69
N VAL B 147 17.45 3.45 22.36
CA VAL B 147 18.14 4.74 22.42
C VAL B 147 19.58 4.60 21.91
N ASP B 148 20.03 5.59 21.15
CA ASP B 148 21.41 5.60 20.63
C ASP B 148 22.04 6.99 20.58
N SER B 149 21.40 7.97 21.22
CA SER B 149 21.99 9.30 21.26
C SER B 149 21.62 10.03 22.56
N VAL B 150 22.51 10.90 23.00
CA VAL B 150 22.21 11.76 24.14
C VAL B 150 20.96 12.61 23.86
N GLU B 151 20.87 13.17 22.66
CA GLU B 151 19.75 14.07 22.34
C GLU B 151 18.42 13.27 22.38
N GLY B 152 18.47 12.05 21.87
CA GLY B 152 17.28 11.22 21.84
C GLY B 152 16.86 10.85 23.24
N VAL B 153 17.83 10.58 24.11
CA VAL B 153 17.54 10.25 25.50
C VAL B 153 16.96 11.43 26.21
N GLU B 154 17.53 12.60 26.01
CA GLU B 154 17.01 13.81 26.64
C GLU B 154 15.60 14.14 26.19
N GLN B 155 15.31 13.96 24.90
CA GLN B 155 13.95 14.21 24.38
C GLN B 155 12.92 13.28 25.02
N LEU B 156 13.28 12.00 25.14
CA LEU B 156 12.44 11.02 25.80
C LEU B 156 12.25 11.35 27.27
N GLY B 157 13.36 11.64 27.94
CA GLY B 157 13.38 11.91 29.35
C GLY B 157 12.51 13.10 29.71
N GLU B 158 12.68 14.21 28.99
CA GLU B 158 11.85 15.41 29.22
C GLU B 158 10.36 15.18 28.97
N PHE B 159 10.02 14.55 27.86
CA PHE B 159 8.63 14.25 27.55
C PHE B 159 7.96 13.33 28.55
N PHE B 160 8.51 12.14 28.75
CA PHE B 160 7.90 11.16 29.65
C PHE B 160 7.85 11.66 31.08
N LYS B 161 8.85 12.42 31.50
CA LYS B 161 8.75 13.07 32.80
C LYS B 161 7.56 14.03 32.85
N SER B 162 7.37 14.80 31.78
CA SER B 162 6.32 15.81 31.74
C SER B 162 4.94 15.17 31.79
N VAL B 163 4.80 13.90 31.42
CA VAL B 163 3.50 13.22 31.50
C VAL B 163 3.49 12.19 32.64
N ASN B 164 4.53 12.20 33.48
CA ASN B 164 4.55 11.36 34.69
C ASN B 164 4.50 9.86 34.42
N LYS B 165 5.24 9.43 33.40
CA LYS B 165 5.34 8.02 33.05
C LYS B 165 6.75 7.52 33.19
N GLN B 166 6.89 6.20 33.20
CA GLN B 166 8.19 5.54 33.09
C GLN B 166 8.33 4.83 31.76
N LEU B 167 9.55 4.84 31.22
CA LEU B 167 9.80 4.26 29.90
C LEU B 167 11.02 3.38 29.94
N GLN B 168 10.87 2.13 29.52
CA GLN B 168 12.00 1.24 29.39
C GLN B 168 12.71 1.43 28.08
N VAL B 169 14.03 1.56 28.20
CA VAL B 169 14.90 1.72 27.02
C VAL B 169 15.99 0.66 26.96
N LEU B 170 16.34 0.29 25.74
CA LEU B 170 17.49 -0.57 25.47
C LEU B 170 18.55 0.26 24.75
N LEU B 171 19.79 0.22 25.24
CA LEU B 171 20.92 0.84 24.57
C LEU B 171 21.23 0.11 23.30
N GLU B 172 21.13 0.80 22.16
CA GLU B 172 21.43 0.17 20.87
C GLU B 172 22.90 0.42 20.50
N LEU B 173 23.60 -0.65 20.15
CA LEU B 173 24.94 -0.57 19.55
C LEU B 173 24.90 -0.71 18.04
N GLY B 174 25.77 0.01 17.34
CA GLY B 174 25.80 0.01 15.90
C GLY B 174 27.21 -0.10 15.39
N VAL B 175 27.36 -0.04 14.08
CA VAL B 175 28.67 -0.21 13.45
C VAL B 175 28.92 0.87 12.40
N PRO B 176 30.22 1.19 12.13
CA PRO B 176 30.55 2.13 11.07
C PRO B 176 29.95 1.73 9.76
N GLY B 177 29.36 2.67 9.06
CA GLY B 177 28.67 2.37 7.85
C GLY B 177 27.37 1.66 8.05
N GLY B 178 26.92 1.48 9.30
CA GLY B 178 25.67 0.79 9.55
C GLY B 178 24.43 1.70 9.56
N ARG B 179 23.50 1.39 10.46
CA ARG B 179 22.24 2.09 10.51
C ARG B 179 22.30 2.88 11.80
N THR B 180 21.41 2.61 12.76
CA THR B 180 21.40 3.29 14.04
C THR B 180 22.36 2.57 15.02
N GLY B 181 22.47 3.08 16.24
CA GLY B 181 23.31 2.50 17.30
C GLY B 181 24.60 3.27 17.57
N VAL B 182 24.99 3.34 18.83
CA VAL B 182 26.22 4.00 19.22
C VAL B 182 27.44 3.31 18.57
N ARG B 183 28.38 4.12 18.10
CA ARG B 183 29.49 3.63 17.29
C ARG B 183 30.73 3.25 18.10
N ASP B 184 30.89 3.85 19.27
CA ASP B 184 32.07 3.60 20.09
C ASP B 184 31.78 3.75 21.57
N ALA B 185 32.79 3.46 22.40
CA ALA B 185 32.61 3.41 23.86
C ALA B 185 32.28 4.78 24.45
N ALA B 186 32.84 5.83 23.87
CA ALA B 186 32.63 7.17 24.38
C ALA B 186 31.17 7.58 24.14
N GLN B 187 30.65 7.35 22.94
CA GLN B 187 29.20 7.53 22.69
C GLN B 187 28.34 6.68 23.63
N ARG B 188 28.64 5.40 23.71
CA ARG B 188 27.98 4.48 24.63
C ARG B 188 27.88 5.06 26.04
N ASN B 189 29.00 5.54 26.56
CA ASN B 189 29.06 6.05 27.91
C ASN B 189 28.27 7.34 28.05
N ALA B 190 28.26 8.18 27.01
CA ALA B 190 27.47 9.44 27.03
C ALA B 190 25.94 9.15 27.05
N VAL B 191 25.52 8.19 26.24
CA VAL B 191 24.12 7.73 26.21
C VAL B 191 23.68 7.11 27.54
N LEU B 192 24.50 6.22 28.09
CA LEU B 192 24.26 5.65 29.42
C LEU B 192 24.19 6.70 30.52
N GLU B 193 25.09 7.68 30.46
CA GLU B 193 25.07 8.81 31.41
C GLU B 193 23.80 9.66 31.32
N ALA B 194 23.36 9.96 30.09
CA ALA B 194 22.16 10.72 29.86
C ALA B 194 20.95 10.02 30.51
N ILE B 195 20.91 8.70 30.45
CA ILE B 195 19.80 7.92 31.02
C ILE B 195 19.73 8.12 32.54
N THR B 196 20.89 8.18 33.19
CA THR B 196 20.97 8.39 34.67
C THR B 196 20.49 9.76 35.11
N ARG B 197 20.37 10.70 34.17
CA ARG B 197 19.81 12.01 34.47
C ARG B 197 18.28 12.00 34.53
N TYR B 198 17.64 10.89 34.12
CA TYR B 198 16.20 10.75 34.27
C TYR B 198 15.88 9.51 35.12
N PRO B 199 16.35 9.50 36.40
CA PRO B 199 16.29 8.29 37.22
C PRO B 199 14.87 7.79 37.53
N ASP B 200 13.88 8.67 37.53
CA ASP B 200 12.49 8.27 37.86
C ASP B 200 11.62 8.03 36.62
N THR B 201 12.18 8.28 35.43
CA THR B 201 11.44 8.31 34.18
C THR B 201 11.97 7.26 33.21
N LEU B 202 13.27 7.29 32.91
CA LEU B 202 13.86 6.30 31.99
C LEU B 202 14.46 5.13 32.74
N LYS B 203 14.24 3.94 32.23
CA LYS B 203 14.66 2.72 32.90
C LYS B 203 15.50 1.90 31.91
N LEU B 204 16.81 1.78 32.15
CA LEU B 204 17.68 0.98 31.29
C LEU B 204 17.35 -0.50 31.51
N ALA B 205 16.83 -1.12 30.46
CA ALA B 205 16.24 -2.45 30.53
C ALA B 205 17.10 -3.49 29.80
N GLY B 206 18.14 -3.05 29.09
CA GLY B 206 19.00 -3.96 28.33
C GLY B 206 19.74 -3.29 27.18
N VAL B 207 20.21 -4.14 26.27
CA VAL B 207 21.11 -3.77 25.18
C VAL B 207 20.57 -4.43 23.94
N GLU B 208 20.68 -3.75 22.79
CA GLU B 208 20.11 -4.26 21.57
C GLU B 208 21.06 -3.96 20.42
N LEU B 209 21.08 -4.86 19.44
CA LEU B 209 21.71 -4.53 18.16
C LEU B 209 21.05 -5.22 16.99
N TYR B 210 21.37 -4.75 15.79
CA TYR B 210 21.04 -5.45 14.56
C TYR B 210 22.34 -5.84 13.87
N GLU B 211 22.70 -7.10 14.02
CA GLU B 211 23.98 -7.60 13.54
C GLU B 211 24.02 -7.81 12.01
N GLY B 212 22.86 -7.79 11.35
CA GLY B 212 22.71 -8.11 9.93
C GLY B 212 23.14 -7.03 8.95
N VAL B 213 23.49 -5.84 9.43
CA VAL B 213 24.16 -4.83 8.58
C VAL B 213 25.56 -5.30 8.19
N LEU B 214 26.16 -6.19 8.98
CA LEU B 214 27.46 -6.78 8.71
C LEU B 214 27.30 -8.04 7.84
N LYS B 215 28.35 -8.38 7.09
CA LYS B 215 28.27 -9.47 6.10
C LYS B 215 29.17 -10.68 6.43
N GLU B 216 30.33 -10.44 7.04
CA GLU B 216 31.29 -11.49 7.34
C GLU B 216 31.15 -11.97 8.79
N GLU B 217 31.43 -13.25 9.01
CA GLU B 217 31.24 -13.89 10.31
C GLU B 217 32.13 -13.34 11.40
N HIS B 218 33.42 -13.13 11.12
CA HIS B 218 34.33 -12.59 12.11
CA HIS B 218 34.34 -12.57 12.11
C HIS B 218 33.88 -11.18 12.56
N GLU B 219 33.27 -10.41 11.67
CA GLU B 219 32.81 -9.06 12.02
C GLU B 219 31.60 -9.15 12.96
N VAL B 220 30.66 -10.02 12.60
CA VAL B 220 29.47 -10.35 13.40
C VAL B 220 29.86 -10.80 14.81
N ARG B 221 30.76 -11.77 14.93
CA ARG B 221 31.17 -12.24 16.25
C ARG B 221 31.80 -11.15 17.11
N GLU B 222 32.57 -10.30 16.47
CA GLU B 222 33.27 -9.24 17.15
C GLU B 222 32.26 -8.18 17.64
N PHE B 223 31.28 -7.89 16.79
CA PHE B 223 30.16 -7.01 17.16
C PHE B 223 29.37 -7.64 18.32
N LEU B 224 28.99 -8.91 18.18
CA LEU B 224 28.22 -9.61 19.27
C LEU B 224 29.02 -9.61 20.55
N GLN B 225 30.32 -9.90 20.46
CA GLN B 225 31.16 -9.92 21.63
C GLN B 225 31.29 -8.57 22.32
N SER B 226 31.29 -7.46 21.58
CA SER B 226 31.30 -6.14 22.22
CA SER B 226 31.30 -6.14 22.22
C SER B 226 30.00 -5.86 23.00
N ALA B 227 28.87 -6.30 22.45
CA ALA B 227 27.55 -6.21 23.10
C ALA B 227 27.51 -7.01 24.39
N VAL B 228 28.11 -8.22 24.37
CA VAL B 228 28.22 -9.03 25.57
C VAL B 228 29.05 -8.34 26.64
N ALA B 229 30.18 -7.77 26.24
CA ALA B 229 31.07 -7.10 27.20
C ALA B 229 30.37 -5.89 27.85
N VAL B 230 29.72 -5.09 27.03
CA VAL B 230 28.93 -3.96 27.56
C VAL B 230 27.83 -4.44 28.51
N THR B 231 27.09 -5.49 28.12
CA THR B 231 26.02 -6.04 28.95
C THR B 231 26.54 -6.52 30.30
N ARG B 232 27.61 -7.32 30.28
CA ARG B 232 28.19 -7.86 31.52
C ARG B 232 28.69 -6.74 32.45
N GLU B 233 29.27 -5.69 31.87
CA GLU B 233 29.71 -4.56 32.66
C GLU B 233 28.54 -3.84 33.36
N LEU B 234 27.41 -3.70 32.66
CA LEU B 234 26.21 -3.06 33.21
C LEU B 234 25.59 -3.92 34.27
N VAL B 235 25.72 -5.24 34.12
CA VAL B 235 25.25 -6.18 35.14
C VAL B 235 26.07 -5.99 36.41
N GLU B 236 27.39 -6.04 36.23
CA GLU B 236 28.34 -5.88 37.35
C GLU B 236 28.19 -4.54 38.05
N GLN B 237 27.98 -3.47 37.29
CA GLN B 237 27.69 -2.16 37.87
C GLN B 237 26.27 -1.99 38.40
N GLU B 238 25.43 -3.01 38.27
CA GLU B 238 24.04 -2.94 38.71
C GLU B 238 23.29 -1.74 38.09
N ARG B 239 23.53 -1.48 36.82
CA ARG B 239 22.95 -0.31 36.14
C ARG B 239 21.64 -0.61 35.42
N PHE B 240 21.22 -1.87 35.40
CA PHE B 240 19.93 -2.23 34.79
C PHE B 240 18.77 -2.08 35.76
N ALA B 241 17.66 -1.53 35.27
CA ALA B 241 16.44 -1.34 36.02
C ALA B 241 15.41 -2.44 35.82
N ARG B 242 15.68 -3.41 34.96
CA ARG B 242 14.80 -4.56 34.79
C ARG B 242 15.55 -5.82 35.19
N ALA B 243 14.82 -6.75 35.79
CA ALA B 243 15.33 -8.07 36.16
C ALA B 243 14.46 -9.11 35.51
N PRO B 244 15.00 -9.89 34.57
CA PRO B 244 16.31 -9.80 34.00
C PRO B 244 16.40 -8.64 32.99
N ALA B 245 17.61 -8.20 32.73
CA ALA B 245 17.89 -7.32 31.59
C ALA B 245 17.63 -8.11 30.29
N VAL B 246 17.27 -7.38 29.24
CA VAL B 246 17.08 -7.99 27.93
C VAL B 246 18.32 -7.73 27.02
N LEU B 247 18.88 -8.78 26.41
CA LEU B 247 19.90 -8.61 25.35
C LEU B 247 19.34 -9.14 24.06
N SER B 248 19.19 -8.28 23.07
CA SER B 248 18.50 -8.69 21.83
C SER B 248 19.32 -8.51 20.58
N GLY B 249 19.38 -9.57 19.75
CA GLY B 249 19.82 -9.48 18.38
C GLY B 249 18.73 -9.96 17.42
N ALA B 250 18.95 -9.83 16.11
CA ALA B 250 18.01 -10.37 15.11
C ALA B 250 18.00 -11.91 15.19
N GLY B 251 19.16 -12.53 15.06
CA GLY B 251 19.32 -13.95 15.24
C GLY B 251 18.54 -14.78 14.23
N SER B 252 18.48 -14.30 12.98
CA SER B 252 17.85 -15.04 11.89
CA SER B 252 17.84 -15.06 11.89
C SER B 252 18.94 -15.71 11.07
N ALA B 253 19.50 -15.00 10.09
CA ALA B 253 20.64 -15.48 9.31
C ALA B 253 21.79 -15.84 10.20
N TRP B 254 21.99 -15.08 11.28
CA TRP B 254 23.09 -15.33 12.19
C TRP B 254 22.65 -16.03 13.49
N TYR B 255 21.50 -16.72 13.44
CA TYR B 255 20.91 -17.42 14.60
C TYR B 255 21.92 -18.16 15.46
N ASP B 256 22.66 -19.08 14.85
CA ASP B 256 23.68 -19.85 15.56
C ASP B 256 24.78 -19.01 16.16
N VAL B 257 25.31 -18.07 15.37
CA VAL B 257 26.42 -17.25 15.88
C VAL B 257 25.97 -16.36 17.04
N VAL B 258 24.78 -15.78 16.90
CA VAL B 258 24.20 -14.90 17.93
C VAL B 258 24.02 -15.67 19.24
N ALA B 259 23.44 -16.88 19.14
CA ALA B 259 23.18 -17.73 20.31
C ALA B 259 24.48 -18.09 21.02
N GLU B 260 25.49 -18.49 20.25
CA GLU B 260 26.80 -18.86 20.82
C GLU B 260 27.48 -17.75 21.55
N GLU B 261 27.43 -16.55 20.99
CA GLU B 261 28.10 -15.43 21.60
C GLU B 261 27.29 -14.91 22.78
N PHE B 262 25.97 -14.88 22.62
CA PHE B 262 25.11 -14.26 23.66
C PHE B 262 24.96 -15.12 24.93
N VAL B 263 25.30 -16.40 24.86
CA VAL B 263 25.28 -17.26 26.06
C VAL B 263 26.15 -16.73 27.18
N LYS B 264 27.24 -16.09 26.83
CA LYS B 264 28.12 -15.48 27.80
C LYS B 264 27.46 -14.38 28.68
N ALA B 265 26.45 -13.70 28.14
CA ALA B 265 25.71 -12.70 28.91
C ALA B 265 24.68 -13.36 29.84
N SER B 266 24.05 -14.41 29.30
CA SER B 266 23.08 -15.21 30.02
C SER B 266 23.66 -15.87 31.27
N GLU B 267 24.94 -16.22 31.21
CA GLU B 267 25.60 -16.95 32.30
C GLU B 267 25.66 -16.16 33.61
N THR B 268 25.36 -14.88 33.54
CA THR B 268 25.27 -14.05 34.75
C THR B 268 24.02 -14.36 35.53
N GLY B 269 23.04 -15.04 34.94
CA GLY B 269 21.74 -15.22 35.57
C GLY B 269 20.89 -13.93 35.66
N LYS B 270 21.36 -12.85 35.06
CA LYS B 270 20.70 -11.51 35.14
C LYS B 270 20.21 -10.97 33.77
N VAL B 271 20.37 -11.77 32.72
CA VAL B 271 20.10 -11.34 31.35
C VAL B 271 19.33 -12.46 30.63
N GLU B 272 18.25 -12.07 29.95
CA GLU B 272 17.59 -12.94 29.00
C GLU B 272 17.82 -12.52 27.56
N VAL B 273 18.13 -13.49 26.72
CA VAL B 273 18.34 -13.24 25.30
C VAL B 273 17.01 -13.31 24.53
N VAL B 274 16.73 -12.28 23.76
CA VAL B 274 15.54 -12.22 22.97
C VAL B 274 15.94 -11.98 21.52
N LEU B 275 15.51 -12.88 20.65
CA LEU B 275 15.77 -12.77 19.22
C LEU B 275 14.55 -12.26 18.50
N ARG B 276 14.76 -11.80 17.27
CA ARG B 276 13.73 -11.04 16.55
C ARG B 276 13.53 -11.60 15.14
N PRO B 277 12.93 -12.76 15.03
CA PRO B 277 12.75 -13.38 13.72
C PRO B 277 11.71 -12.70 12.77
N GLY B 278 11.72 -13.08 11.49
CA GLY B 278 10.73 -12.59 10.49
C GLY B 278 9.47 -13.46 10.25
N CYS B 279 9.20 -13.70 8.96
CA CYS B 279 7.95 -14.30 8.43
C CYS B 279 7.73 -15.79 8.84
N TYR B 280 6.51 -16.11 9.29
CA TYR B 280 6.09 -17.49 9.67
C TYR B 280 5.22 -18.15 8.55
N LEU B 281 4.98 -17.41 7.45
CA LEU B 281 4.03 -17.78 6.40
C LEU B 281 4.67 -18.49 5.18
N THR B 282 5.98 -18.76 5.26
CA THR B 282 6.89 -19.24 4.17
C THR B 282 6.26 -19.71 2.86
N MSE B 305 14.71 -23.46 12.77
CA MSE B 305 13.31 -23.11 13.04
C MSE B 305 12.38 -23.30 11.82
O MSE B 305 11.14 -23.37 11.99
CB MSE B 305 13.18 -21.65 13.52
CG MSE B 305 14.18 -21.18 14.56
SE MSE B 305 13.76 -19.31 15.17
CE MSE B 305 13.85 -18.38 13.36
N GLY B 306 12.95 -23.36 10.61
CA GLY B 306 12.20 -23.04 9.40
C GLY B 306 12.01 -24.08 8.30
N GLU B 307 12.73 -25.20 8.35
CA GLU B 307 12.72 -26.13 7.20
C GLU B 307 11.32 -26.69 6.89
N GLY B 308 10.55 -26.97 7.93
CA GLY B 308 9.25 -27.62 7.75
C GLY B 308 8.07 -26.69 7.58
N LEU B 309 8.32 -25.37 7.49
CA LEU B 309 7.24 -24.41 7.25
C LEU B 309 6.66 -24.57 5.85
N LEU B 310 5.34 -24.38 5.72
CA LEU B 310 4.64 -24.49 4.46
C LEU B 310 4.17 -23.11 3.97
N PRO B 311 4.11 -22.91 2.66
CA PRO B 311 3.59 -21.64 2.16
C PRO B 311 2.08 -21.55 2.38
N ALA B 312 1.68 -20.56 3.16
CA ALA B 312 0.34 -20.46 3.68
C ALA B 312 -0.55 -19.47 2.90
N LEU B 313 0.07 -18.60 2.07
CA LEU B 313 -0.64 -17.52 1.35
C LEU B 313 -0.53 -17.65 -0.17
N GLN B 314 -1.66 -17.54 -0.86
CA GLN B 314 -1.66 -17.38 -2.31
C GLN B 314 -2.57 -16.21 -2.72
N LEU B 315 -2.24 -15.56 -3.83
CA LEU B 315 -3.08 -14.50 -4.37
C LEU B 315 -3.87 -15.13 -5.51
N TRP B 316 -5.19 -14.92 -5.52
CA TRP B 316 -6.05 -15.50 -6.55
C TRP B 316 -6.53 -14.37 -7.46
N ALA B 317 -6.46 -14.58 -8.79
CA ALA B 317 -6.81 -13.57 -9.77
C ALA B 317 -7.49 -14.21 -10.99
N TYR B 318 -8.27 -13.41 -11.71
CA TYR B 318 -8.93 -13.85 -12.94
C TYR B 318 -8.08 -13.65 -14.19
N VAL B 319 -8.22 -14.61 -15.10
CA VAL B 319 -7.81 -14.40 -16.49
C VAL B 319 -8.82 -13.44 -17.10
N GLN B 320 -8.37 -12.26 -17.50
CA GLN B 320 -9.29 -11.25 -18.00
C GLN B 320 -9.37 -11.23 -19.52
N SER B 321 -8.31 -11.68 -20.19
CA SER B 321 -8.20 -11.56 -21.66
C SER B 321 -7.06 -12.46 -22.11
N ILE B 322 -7.23 -13.10 -23.28
CA ILE B 322 -6.18 -13.93 -23.87
C ILE B 322 -6.05 -13.43 -25.31
N PRO B 323 -5.46 -12.24 -25.48
CA PRO B 323 -5.46 -11.60 -26.79
C PRO B 323 -4.61 -12.28 -27.85
N GLU B 324 -3.59 -13.03 -27.43
CA GLU B 324 -2.71 -13.76 -28.31
C GLU B 324 -2.52 -15.15 -27.75
N PRO B 325 -2.33 -16.15 -28.62
CA PRO B 325 -2.31 -17.54 -28.15
C PRO B 325 -1.28 -17.85 -27.06
N ASP B 326 -0.21 -17.06 -27.00
CA ASP B 326 0.83 -17.23 -25.98
C ASP B 326 0.86 -16.16 -24.85
N ARG B 327 -0.15 -15.28 -24.81
CA ARG B 327 -0.18 -14.14 -23.87
C ARG B 327 -1.55 -14.02 -23.22
N ALA B 328 -1.61 -14.19 -21.89
CA ALA B 328 -2.83 -13.94 -21.10
C ALA B 328 -2.64 -12.70 -20.21
N ILE B 329 -3.70 -11.92 -20.06
CA ILE B 329 -3.71 -10.80 -19.12
C ILE B 329 -4.53 -11.17 -17.90
N ILE B 330 -3.89 -11.06 -16.73
CA ILE B 330 -4.42 -11.45 -15.43
C ILE B 330 -4.79 -10.21 -14.63
N GLY B 331 -5.90 -10.30 -13.88
CA GLY B 331 -6.35 -9.21 -13.02
C GLY B 331 -5.63 -9.18 -11.68
N LEU B 332 -4.34 -8.86 -11.74
CA LEU B 332 -3.44 -8.78 -10.59
C LEU B 332 -2.34 -7.79 -10.98
N GLY B 333 -2.04 -6.83 -10.11
CA GLY B 333 -0.99 -5.86 -10.43
C GLY B 333 -0.13 -5.54 -9.23
N LYS B 334 0.69 -4.51 -9.36
CA LYS B 334 1.55 -4.06 -8.26
C LYS B 334 0.72 -3.56 -7.05
N ARG B 335 -0.53 -3.13 -7.28
CA ARG B 335 -1.43 -2.77 -6.18
C ARG B 335 -1.81 -3.94 -5.30
N ASP B 336 -1.61 -5.15 -5.79
CA ASP B 336 -1.97 -6.39 -5.13
C ASP B 336 -0.80 -7.23 -4.66
N SER B 337 0.37 -6.98 -5.24
CA SER B 337 1.52 -7.85 -5.02
C SER B 337 2.74 -7.00 -5.06
N ALA B 338 3.31 -6.74 -3.89
CA ALA B 338 4.66 -6.12 -3.74
C ALA B 338 5.67 -6.64 -4.79
N PHE B 339 6.35 -5.75 -5.52
CA PHE B 339 7.44 -6.15 -6.46
C PHE B 339 8.66 -6.76 -5.70
N ASP B 340 8.92 -6.22 -4.51
CA ASP B 340 9.89 -6.80 -3.55
C ASP B 340 9.52 -8.20 -3.01
N ALA B 341 8.31 -8.69 -3.30
CA ALA B 341 7.90 -10.07 -2.98
C ALA B 341 8.36 -11.06 -4.03
N GLY B 342 8.75 -10.53 -5.19
CA GLY B 342 9.10 -11.33 -6.37
C GLY B 342 7.91 -11.59 -7.28
N MSE B 343 8.17 -11.88 -8.56
CA MSE B 343 7.08 -12.16 -9.51
C MSE B 343 6.17 -13.28 -9.05
O MSE B 343 6.65 -14.35 -8.67
CB MSE B 343 7.61 -12.58 -10.88
CG MSE B 343 8.11 -11.47 -11.75
SE MSE B 343 6.80 -10.16 -12.30
CE MSE B 343 7.43 -9.88 -14.04
N PRO B 344 4.84 -13.06 -9.10
CA PRO B 344 3.94 -14.14 -8.70
C PRO B 344 4.12 -15.35 -9.59
N GLU B 345 3.99 -16.54 -9.01
CA GLU B 345 4.22 -17.80 -9.72
C GLU B 345 2.95 -18.63 -9.78
N PRO B 346 2.43 -18.89 -10.99
CA PRO B 346 1.17 -19.66 -11.11
C PRO B 346 1.30 -21.02 -10.45
N ALA B 347 0.41 -21.30 -9.49
CA ALA B 347 0.48 -22.54 -8.71
C ALA B 347 -0.78 -23.42 -8.88
N ARG B 348 -1.95 -22.77 -9.00
CA ARG B 348 -3.21 -23.49 -9.20
CA ARG B 348 -3.20 -23.50 -9.21
C ARG B 348 -4.04 -22.85 -10.29
N HIS B 349 -4.86 -23.67 -10.95
CA HIS B 349 -5.76 -23.23 -12.00
C HIS B 349 -7.14 -23.80 -11.69
N TYR B 350 -8.17 -22.97 -11.82
CA TYR B 350 -9.54 -23.36 -11.54
C TYR B 350 -10.49 -22.74 -12.57
N ARG B 351 -11.36 -23.57 -13.14
CA ARG B 351 -12.43 -23.12 -14.05
C ARG B 351 -13.76 -23.09 -13.31
N PRO B 352 -14.42 -21.92 -13.22
CA PRO B 352 -15.72 -21.94 -12.57
C PRO B 352 -16.64 -23.08 -13.05
N GLY B 353 -17.34 -23.70 -12.10
CA GLY B 353 -18.16 -24.88 -12.34
C GLY B 353 -17.48 -26.20 -12.00
N ASN B 354 -16.15 -26.22 -11.94
CA ASN B 354 -15.43 -27.44 -11.60
C ASN B 354 -15.45 -27.69 -10.09
N GLU B 355 -15.15 -28.94 -9.74
CA GLU B 355 -15.21 -29.39 -8.37
C GLU B 355 -14.04 -28.77 -7.62
N ALA B 356 -12.89 -28.71 -8.27
CA ALA B 356 -11.66 -28.35 -7.59
C ALA B 356 -10.65 -27.68 -8.53
N PRO B 357 -9.70 -26.92 -7.95
CA PRO B 357 -8.57 -26.51 -8.80
C PRO B 357 -7.64 -27.67 -9.10
N ARG B 358 -6.71 -27.43 -10.01
CA ARG B 358 -5.67 -28.36 -10.38
C ARG B 358 -4.37 -27.64 -10.11
N ASP B 359 -3.31 -28.42 -9.86
CA ASP B 359 -1.99 -27.86 -9.66
C ASP B 359 -1.39 -27.58 -11.03
N ILE B 360 -0.68 -26.46 -11.16
CA ILE B 360 0.05 -26.15 -12.38
C ILE B 360 1.49 -26.69 -12.26
N ALA B 361 1.90 -27.56 -13.18
CA ALA B 361 3.26 -28.10 -13.17
C ALA B 361 4.22 -27.10 -13.78
N ALA B 362 5.41 -26.99 -13.20
CA ALA B 362 6.48 -26.13 -13.76
C ALA B 362 6.66 -26.39 -15.26
N SER B 363 6.63 -27.66 -15.65
CA SER B 363 6.79 -28.03 -17.05
C SER B 363 5.81 -27.35 -18.02
N GLU B 364 4.68 -26.84 -17.54
CA GLU B 364 3.70 -26.18 -18.43
C GLU B 364 4.20 -24.85 -18.93
N GLY B 365 5.15 -24.26 -18.21
CA GLY B 365 5.76 -23.00 -18.61
C GLY B 365 4.84 -21.79 -18.57
N TRP B 366 3.92 -21.76 -17.60
CA TRP B 366 3.08 -20.59 -17.34
C TRP B 366 3.93 -19.67 -16.48
N GLU B 367 4.15 -18.44 -16.92
CA GLU B 367 5.12 -17.58 -16.27
C GLU B 367 4.70 -16.13 -16.40
N ILE B 368 4.71 -15.39 -15.29
CA ILE B 368 4.41 -13.96 -15.36
C ILE B 368 5.66 -13.25 -15.85
N PHE B 369 5.56 -12.52 -16.95
CA PHE B 369 6.71 -11.79 -17.46
C PHE B 369 6.56 -10.25 -17.37
N GLY B 370 5.50 -9.78 -16.74
CA GLY B 370 5.27 -8.34 -16.61
C GLY B 370 4.22 -8.07 -15.56
N LEU B 371 4.49 -7.11 -14.67
CA LEU B 371 3.52 -6.71 -13.65
C LEU B 371 3.29 -5.21 -13.80
N MSE B 372 2.08 -4.83 -14.18
CA MSE B 372 1.70 -3.42 -14.23
CA MSE B 372 1.66 -3.42 -14.26
C MSE B 372 0.89 -3.05 -12.98
O MSE B 372 0.84 -3.84 -12.01
CB MSE B 372 0.96 -3.11 -15.53
CB MSE B 372 0.85 -3.17 -15.53
CG MSE B 372 1.63 -3.62 -16.84
CG MSE B 372 1.67 -3.29 -16.83
SE MSE B 372 3.62 -3.85 -16.98
SE MSE B 372 0.79 -2.66 -18.47
CE MSE B 372 4.31 -2.24 -15.96
CE MSE B 372 1.16 -0.74 -18.34
N ASP B 373 0.32 -1.84 -12.94
CA ASP B 373 -0.44 -1.34 -11.80
C ASP B 373 -1.52 -2.30 -11.36
N GLN B 374 -2.33 -2.72 -12.33
CA GLN B 374 -3.51 -3.54 -12.05
C GLN B 374 -3.59 -4.83 -12.88
N HIS B 375 -2.58 -5.09 -13.71
CA HIS B 375 -2.56 -6.24 -14.65
C HIS B 375 -1.22 -6.93 -14.59
N ALA B 376 -1.25 -8.22 -14.93
CA ALA B 376 -0.06 -9.01 -15.07
C ALA B 376 -0.10 -9.70 -16.44
N TYR B 377 1.07 -9.84 -17.05
CA TYR B 377 1.22 -10.55 -18.32
C TYR B 377 1.68 -11.96 -18.05
N LEU B 378 0.88 -12.92 -18.51
CA LEU B 378 1.18 -14.35 -18.32
C LEU B 378 1.55 -14.96 -19.67
N ARG B 379 2.75 -15.52 -19.75
CA ARG B 379 3.13 -16.38 -20.87
C ARG B 379 2.56 -17.77 -20.67
N ILE B 380 1.91 -18.28 -21.72
CA ILE B 380 1.40 -19.65 -21.75
C ILE B 380 1.87 -20.24 -23.09
N PRO B 381 2.02 -21.57 -23.14
CA PRO B 381 2.18 -22.27 -24.43
C PRO B 381 0.92 -22.16 -25.27
N ALA B 382 1.05 -21.94 -26.58
CA ALA B 382 -0.14 -21.82 -27.45
C ALA B 382 -0.97 -23.11 -27.36
N GLY B 383 -2.29 -22.94 -27.37
CA GLY B 383 -3.21 -24.05 -27.15
C GLY B 383 -3.40 -24.51 -25.72
N ALA B 384 -2.78 -23.83 -24.74
CA ALA B 384 -3.06 -24.14 -23.33
C ALA B 384 -4.57 -24.07 -23.06
N ASP B 385 -5.06 -24.92 -22.17
CA ASP B 385 -6.48 -24.89 -21.76
C ASP B 385 -6.73 -23.81 -20.71
N LEU B 386 -6.93 -22.60 -21.20
CA LEU B 386 -7.14 -21.43 -20.37
C LEU B 386 -8.20 -20.56 -21.03
N LYS B 387 -9.15 -20.08 -20.25
CA LYS B 387 -10.22 -19.23 -20.75
C LYS B 387 -10.37 -17.95 -19.91
N VAL B 388 -10.77 -16.86 -20.56
CA VAL B 388 -11.26 -15.66 -19.82
C VAL B 388 -12.23 -16.14 -18.73
N GLY B 389 -12.08 -15.62 -17.51
CA GLY B 389 -12.94 -15.99 -16.40
C GLY B 389 -12.42 -17.14 -15.55
N ASP B 390 -11.40 -17.83 -16.04
CA ASP B 390 -10.69 -18.83 -15.19
C ASP B 390 -9.95 -18.09 -14.08
N MSE B 391 -9.71 -18.79 -12.97
CA MSE B 391 -8.90 -18.27 -11.88
C MSE B 391 -7.52 -18.92 -11.81
O MSE B 391 -7.37 -20.13 -12.10
CB MSE B 391 -9.56 -18.54 -10.54
CG MSE B 391 -10.99 -18.16 -10.47
SE MSE B 391 -11.68 -18.61 -8.69
CE MSE B 391 -13.12 -18.30 -9.29
N ILE B 392 -6.54 -18.14 -11.40
CA ILE B 392 -5.21 -18.68 -11.12
C ILE B 392 -4.82 -18.23 -9.71
N ALA B 393 -4.32 -19.19 -8.93
CA ALA B 393 -3.72 -18.98 -7.62
C ALA B 393 -2.23 -18.88 -7.83
N PHE B 394 -1.64 -17.80 -7.31
CA PHE B 394 -0.22 -17.55 -7.38
C PHE B 394 0.48 -17.66 -6.03
N ASP B 395 1.62 -18.35 -6.02
CA ASP B 395 2.58 -18.28 -4.93
C ASP B 395 3.41 -17.02 -5.08
N ILE B 396 3.82 -16.41 -3.97
CA ILE B 396 4.85 -15.38 -4.03
C ILE B 396 5.99 -15.70 -3.07
N SER B 397 7.21 -15.38 -3.50
CA SER B 397 8.43 -15.82 -2.80
C SER B 397 8.57 -15.21 -1.39
N HIS B 398 8.25 -13.93 -1.24
CA HIS B 398 8.35 -13.28 0.07
C HIS B 398 6.98 -12.79 0.51
N PRO B 399 6.09 -13.73 0.95
CA PRO B 399 4.64 -13.49 1.18
C PRO B 399 4.30 -12.30 2.07
N CYS B 400 5.00 -12.23 3.20
CA CYS B 400 4.67 -11.23 4.18
C CYS B 400 4.84 -9.82 3.58
N LEU B 401 5.81 -9.60 2.69
CA LEU B 401 5.97 -8.24 2.09
C LEU B 401 4.71 -7.77 1.29
N THR B 402 3.96 -8.72 0.73
CA THR B 402 2.70 -8.42 0.04
C THR B 402 1.57 -7.89 0.98
N PHE B 403 1.67 -8.18 2.29
CA PHE B 403 0.54 -8.01 3.18
C PHE B 403 0.14 -6.59 3.19
N ASP B 404 1.07 -5.65 2.97
CA ASP B 404 0.70 -4.24 3.06
C ASP B 404 -0.14 -3.73 1.88
N LYS B 405 -0.35 -4.59 0.88
CA LYS B 405 -1.27 -4.32 -0.25
C LYS B 405 -2.69 -4.79 0.06
N TRP B 406 -2.88 -5.38 1.22
CA TRP B 406 -4.16 -6.00 1.65
C TRP B 406 -4.62 -5.48 3.01
N ARG B 407 -5.77 -4.80 3.04
CA ARG B 407 -6.42 -4.43 4.29
C ARG B 407 -7.20 -5.58 4.93
N GLN B 408 -7.63 -6.52 4.08
CA GLN B 408 -8.39 -7.73 4.48
C GLN B 408 -7.81 -8.92 3.75
N VAL B 409 -7.41 -9.91 4.51
CA VAL B 409 -6.90 -11.20 3.98
C VAL B 409 -7.89 -12.29 4.40
N LEU B 410 -8.22 -13.19 3.48
CA LEU B 410 -9.18 -14.25 3.73
C LEU B 410 -8.48 -15.46 4.31
N VAL B 411 -9.17 -16.18 5.17
CA VAL B 411 -8.72 -17.49 5.69
C VAL B 411 -9.74 -18.49 5.19
N VAL B 412 -9.25 -19.55 4.55
CA VAL B 412 -10.14 -20.57 4.00
C VAL B 412 -9.84 -21.94 4.55
N ASP B 413 -10.92 -22.69 4.69
CA ASP B 413 -10.83 -24.09 4.98
C ASP B 413 -10.48 -24.90 3.70
N PRO B 414 -10.19 -26.20 3.87
CA PRO B 414 -9.82 -26.99 2.68
C PRO B 414 -10.87 -27.05 1.56
N ALA B 415 -12.12 -26.74 1.85
CA ALA B 415 -13.16 -26.66 0.80
C ALA B 415 -13.27 -25.24 0.19
N TYR B 416 -12.33 -24.36 0.52
CA TYR B 416 -12.27 -22.97 -0.01
C TYR B 416 -13.41 -22.08 0.49
N ARG B 417 -14.00 -22.48 1.61
CA ARG B 417 -14.96 -21.67 2.34
CA ARG B 417 -14.97 -21.62 2.34
C ARG B 417 -14.19 -20.68 3.24
N VAL B 418 -14.57 -19.40 3.21
CA VAL B 418 -13.93 -18.40 4.06
C VAL B 418 -14.41 -18.56 5.51
N THR B 419 -13.48 -18.77 6.44
CA THR B 419 -13.85 -19.02 7.85
C THR B 419 -13.60 -17.78 8.71
N GLU B 420 -12.71 -16.90 8.24
CA GLU B 420 -12.29 -15.72 8.97
C GLU B 420 -11.73 -14.72 7.99
N VAL B 421 -11.85 -13.44 8.33
CA VAL B 421 -11.15 -12.38 7.63
C VAL B 421 -10.07 -11.82 8.60
N ILE B 422 -8.88 -11.54 8.07
CA ILE B 422 -7.78 -10.98 8.84
CA ILE B 422 -7.81 -10.98 8.86
C ILE B 422 -7.62 -9.53 8.42
N GLU B 423 -7.71 -8.62 9.40
CA GLU B 423 -7.45 -7.21 9.17
C GLU B 423 -5.99 -6.84 9.43
N THR B 424 -5.52 -5.90 8.64
CA THR B 424 -4.14 -5.42 8.78
C THR B 424 -4.15 -3.95 9.20
N PHE B 425 -3.08 -3.52 9.88
CA PHE B 425 -2.92 -2.13 10.32
C PHE B 425 -1.68 -1.50 9.70
N PHE B 426 -1.74 -1.26 8.41
CA PHE B 426 -0.72 -0.46 7.73
C PHE B 426 -1.16 1.02 7.63
C1 GOL C . -20.36 11.61 -0.24
O1 GOL C . -21.23 11.06 -1.20
C2 GOL C . -20.78 13.06 0.06
O2 GOL C . -19.93 13.60 1.03
C3 GOL C . -20.85 13.96 -1.17
O3 GOL C . -21.49 13.33 -2.26
C1 GOL D . 1.34 9.73 -18.54
O1 GOL D . 2.33 8.75 -18.75
C2 GOL D . 1.45 10.26 -17.11
O2 GOL D . 2.66 10.98 -16.98
C3 GOL D . 0.27 11.14 -16.67
O3 GOL D . -0.80 11.18 -17.60
C1 GOL E . 10.60 -13.82 30.88
O1 GOL E . 9.69 -14.48 29.98
C2 GOL E . 10.10 -12.41 31.21
O2 GOL E . 10.82 -11.42 30.50
C3 GOL E . 10.31 -12.13 32.67
O3 GOL E . 9.94 -10.79 32.98
C1 GOL F . 15.57 -4.86 8.17
O1 GOL F . 15.04 -3.64 7.67
C2 GOL F . 14.85 -5.28 9.46
O2 GOL F . 14.42 -6.64 9.41
C3 GOL F . 15.65 -5.05 10.73
O3 GOL F . 14.96 -4.10 11.52
NA NA G . -14.19 -2.57 10.87
#